data_5QAH
#
_entry.id   5QAH
#
_cell.length_a   89.908
_cell.length_b   108.889
_cell.length_c   124.809
_cell.angle_alpha   90.000
_cell.angle_beta   90.000
_cell.angle_gamma   90.000
#
_symmetry.space_group_name_H-M   'P 21 21 21'
#
loop_
_entity.id
_entity.type
_entity.pdbx_description
1 polymer Beta-lactamase
2 non-polymer '3-(3-methoxycarbonylphenyl)benzoic acid'
3 non-polymer 'CHLORIDE ION'
4 non-polymer 1,2-ETHANEDIOL
5 water water
#
_entity_poly.entity_id   1
_entity_poly.type   'polypeptide(L)'
_entity_poly.pdbx_seq_one_letter_code
;KEWQENKSWNAHFTEHKSQGVVVLWNENKQQGFTNNLKRANQAFLPASTF(KCX)IPNSLIALDLGVVKDEHQVFKWDGQ
TRDIATWNRDHNLITAMKYSVVPVYQEFARQIGEARMSKMLHAFDYGNEDISGNVDSFWLDGGIRISATEQISFLRKLYH
NKLHVSERSQRIVKQAMLTEANGDYIIRAKTGYSTRIEPKIGWWVGWVELDDNVWFFAMNMDMPTSDGLGLRQAITKEVL
KQEKIIP
;
_entity_poly.pdbx_strand_id   A,B,C,D
#
loop_
_chem_comp.id
_chem_comp.type
_chem_comp.name
_chem_comp.formula
CL non-polymer 'CHLORIDE ION' 'Cl -1'
EDO non-polymer 1,2-ETHANEDIOL 'C2 H6 O2'
EFX non-polymer '3-(3-methoxycarbonylphenyl)benzoic acid' 'C15 H12 O4'
#
# COMPACT_ATOMS: atom_id res chain seq x y z
N GLU A 2 -50.41 -3.95 -21.52
CA GLU A 2 -49.01 -3.81 -21.94
C GLU A 2 -48.03 -3.97 -20.79
N TRP A 3 -48.39 -3.41 -19.63
CA TRP A 3 -47.57 -3.49 -18.44
C TRP A 3 -48.37 -4.16 -17.33
N GLN A 4 -47.72 -5.09 -16.64
CA GLN A 4 -48.33 -5.82 -15.53
C GLN A 4 -47.46 -5.68 -14.31
N GLU A 5 -48.09 -5.45 -13.16
CA GLU A 5 -47.38 -5.32 -11.89
C GLU A 5 -47.54 -6.63 -11.13
N ASN A 6 -46.42 -7.21 -10.73
CA ASN A 6 -46.39 -8.48 -10.02
C ASN A 6 -45.69 -8.23 -8.69
N LYS A 7 -46.46 -7.84 -7.67
CA LYS A 7 -45.85 -7.52 -6.39
C LYS A 7 -45.31 -8.75 -5.67
N SER A 8 -45.47 -9.95 -6.23
CA SER A 8 -44.96 -11.14 -5.58
C SER A 8 -43.44 -11.25 -5.70
N TRP A 9 -42.83 -10.60 -6.69
CA TRP A 9 -41.37 -10.55 -6.76
C TRP A 9 -40.78 -9.81 -5.56
N ASN A 10 -41.57 -8.97 -4.88
CA ASN A 10 -41.05 -8.26 -3.72
C ASN A 10 -40.47 -9.22 -2.70
N ALA A 11 -40.98 -10.46 -2.65
CA ALA A 11 -40.44 -11.44 -1.72
C ALA A 11 -38.95 -11.66 -1.95
N HIS A 12 -38.49 -11.57 -3.20
CA HIS A 12 -37.07 -11.77 -3.47
C HIS A 12 -36.22 -10.65 -2.89
N PHE A 13 -36.78 -9.45 -2.75
CA PHE A 13 -36.06 -8.34 -2.12
C PHE A 13 -36.18 -8.40 -0.60
N THR A 14 -37.39 -8.58 -0.08
CA THR A 14 -37.59 -8.52 1.37
C THR A 14 -36.85 -9.64 2.09
N GLU A 15 -36.78 -10.83 1.48
CA GLU A 15 -36.09 -11.95 2.11
C GLU A 15 -34.60 -11.65 2.34
N HIS A 16 -34.02 -10.71 1.59
CA HIS A 16 -32.65 -10.25 1.80
C HIS A 16 -32.58 -8.90 2.49
N LYS A 17 -33.64 -8.52 3.21
CA LYS A 17 -33.69 -7.25 3.93
C LYS A 17 -33.36 -6.07 3.02
N SER A 18 -33.78 -6.15 1.76
CA SER A 18 -33.51 -5.10 0.79
C SER A 18 -34.81 -4.65 0.12
N GLN A 19 -34.68 -3.61 -0.71
CA GLN A 19 -35.78 -3.08 -1.49
C GLN A 19 -35.27 -2.73 -2.88
N GLY A 20 -36.12 -2.90 -3.89
CA GLY A 20 -35.70 -2.61 -5.25
C GLY A 20 -36.79 -2.94 -6.24
N VAL A 21 -36.43 -2.88 -7.52
CA VAL A 21 -37.35 -3.13 -8.61
C VAL A 21 -36.64 -3.97 -9.68
N VAL A 22 -37.39 -4.90 -10.24
CA VAL A 22 -37.01 -5.61 -11.46
C VAL A 22 -38.04 -5.27 -12.54
N VAL A 23 -37.54 -4.98 -13.74
CA VAL A 23 -38.38 -4.75 -14.90
C VAL A 23 -37.99 -5.77 -15.97
N LEU A 24 -38.98 -6.49 -16.50
CA LEU A 24 -38.76 -7.45 -17.58
C LEU A 24 -39.59 -7.04 -18.78
N TRP A 25 -39.05 -7.31 -19.98
CA TRP A 25 -39.75 -7.05 -21.24
C TRP A 25 -39.63 -8.27 -22.13
N ASN A 26 -40.78 -8.84 -22.50
CA ASN A 26 -40.87 -9.97 -23.42
C ASN A 26 -40.92 -9.44 -24.85
N GLU A 27 -39.83 -9.61 -25.59
CA GLU A 27 -39.74 -8.99 -26.91
C GLU A 27 -40.78 -9.57 -27.87
N ASN A 28 -40.94 -10.89 -27.89
CA ASN A 28 -41.92 -11.50 -28.78
C ASN A 28 -43.32 -10.96 -28.52
N LYS A 29 -43.73 -10.90 -27.26
CA LYS A 29 -45.09 -10.51 -26.94
C LYS A 29 -45.24 -9.02 -26.71
N GLN A 30 -44.15 -8.26 -26.66
CA GLN A 30 -44.20 -6.82 -26.45
C GLN A 30 -44.99 -6.50 -25.18
N GLN A 31 -44.63 -7.17 -24.09
CA GLN A 31 -45.28 -7.00 -22.81
C GLN A 31 -44.22 -6.85 -21.73
N GLY A 32 -44.49 -5.96 -20.77
CA GLY A 32 -43.58 -5.70 -19.69
C GLY A 32 -44.12 -6.12 -18.34
N PHE A 33 -43.22 -6.38 -17.39
CA PHE A 33 -43.58 -6.87 -16.07
C PHE A 33 -42.63 -6.25 -15.04
N THR A 34 -43.19 -5.85 -13.90
CA THR A 34 -42.38 -5.27 -12.83
C THR A 34 -43.09 -5.48 -11.50
N ASN A 35 -42.29 -5.48 -10.43
CA ASN A 35 -42.84 -5.59 -9.09
C ASN A 35 -43.26 -4.24 -8.52
N ASN A 36 -42.87 -3.14 -9.15
CA ASN A 36 -43.12 -1.83 -8.58
C ASN A 36 -43.16 -0.83 -9.73
N LEU A 37 -44.37 -0.51 -10.19
CA LEU A 37 -44.51 0.40 -11.33
C LEU A 37 -43.91 1.77 -11.01
N LYS A 38 -44.06 2.25 -9.78
CA LYS A 38 -43.52 3.57 -9.47
C LYS A 38 -41.99 3.57 -9.57
N ARG A 39 -41.35 2.66 -8.84
CA ARG A 39 -39.89 2.66 -8.84
C ARG A 39 -39.33 2.30 -10.22
N ALA A 40 -40.07 1.54 -11.01
CA ALA A 40 -39.65 1.24 -12.36
C ALA A 40 -39.47 2.51 -13.19
N ASN A 41 -40.19 3.58 -12.83
CA ASN A 41 -40.11 4.85 -13.56
C ASN A 41 -39.41 5.95 -12.80
N GLN A 42 -38.80 5.64 -11.65
CA GLN A 42 -38.01 6.62 -10.92
C GLN A 42 -36.59 6.66 -11.48
N ALA A 43 -36.04 7.86 -11.58
CA ALA A 43 -34.77 8.09 -12.27
C ALA A 43 -33.60 8.13 -11.28
N PHE A 44 -32.57 7.33 -11.56
CA PHE A 44 -31.38 7.28 -10.71
C PHE A 44 -30.14 7.58 -11.54
N LEU A 45 -29.04 7.89 -10.84
CA LEU A 45 -27.75 7.97 -11.51
C LEU A 45 -27.47 6.64 -12.22
N PRO A 46 -27.01 6.66 -13.47
CA PRO A 46 -26.71 5.39 -14.15
C PRO A 46 -25.44 4.72 -13.65
N ALA A 47 -24.54 5.47 -13.02
CA ALA A 47 -23.23 4.94 -12.62
C ALA A 47 -22.64 4.11 -13.75
N SER A 48 -22.08 2.93 -13.44
CA SER A 48 -21.33 2.22 -14.47
C SER A 48 -22.19 1.60 -15.56
N THR A 49 -23.52 1.61 -15.44
CA THR A 49 -24.31 1.23 -16.60
C THR A 49 -24.11 2.21 -17.74
N PHE A 50 -23.59 3.41 -17.45
CA PHE A 50 -23.31 4.38 -18.47
C PHE A 50 -22.17 3.94 -19.40
N KCX A 51 -21.43 2.92 -19.00
CA KCX A 51 -20.34 2.43 -19.83
CB KCX A 51 -19.52 1.39 -19.06
CG KCX A 51 -18.68 2.02 -17.93
CD KCX A 51 -17.70 1.05 -17.31
CE KCX A 51 -16.78 1.74 -16.31
NZ KCX A 51 -17.56 2.33 -15.19
C KCX A 51 -20.87 1.87 -21.16
O KCX A 51 -20.12 1.78 -22.13
CX KCX A 51 -17.84 3.62 -15.13
OQ1 KCX A 51 -18.51 4.07 -14.17
OQ2 KCX A 51 -17.45 4.40 -16.02
H KCX A 51 -21.54 2.50 -18.26
HA KCX A 51 -19.74 3.18 -20.03
HB2 KCX A 51 -18.92 0.95 -19.67
HG2 KCX A 51 -18.17 2.76 -18.31
HD2 KCX A 51 -18.20 0.36 -16.83
HE2 KCX A 51 -16.32 2.46 -16.77
N ILE A 52 -22.16 1.54 -21.22
CA ILE A 52 -22.73 1.08 -22.49
C ILE A 52 -22.78 2.23 -23.50
N PRO A 53 -23.51 3.31 -23.19
CA PRO A 53 -23.51 4.44 -24.14
C PRO A 53 -22.13 5.05 -24.34
N ASN A 54 -21.35 5.14 -23.27
CA ASN A 54 -20.00 5.71 -23.39
C ASN A 54 -19.16 4.92 -24.38
N SER A 55 -19.21 3.59 -24.31
CA SER A 55 -18.46 2.76 -25.25
C SER A 55 -18.93 3.00 -26.68
N LEU A 56 -20.25 3.06 -26.89
CA LEU A 56 -20.79 3.28 -28.23
C LEU A 56 -20.26 4.58 -28.82
N ILE A 57 -20.28 5.65 -28.03
CA ILE A 57 -19.86 6.95 -28.51
C ILE A 57 -18.36 6.96 -28.79
N ALA A 58 -17.57 6.38 -27.88
CA ALA A 58 -16.13 6.33 -28.07
C ALA A 58 -15.75 5.58 -29.33
N LEU A 59 -16.40 4.44 -29.59
CA LEU A 59 -16.12 3.68 -30.80
C LEU A 59 -16.51 4.45 -32.05
N ASP A 60 -17.72 5.05 -32.04
CA ASP A 60 -18.24 5.63 -33.27
C ASP A 60 -17.48 6.90 -33.64
N LEU A 61 -16.87 7.58 -32.68
CA LEU A 61 -16.07 8.76 -32.96
C LEU A 61 -14.61 8.43 -33.21
N GLY A 62 -14.21 7.16 -33.05
CA GLY A 62 -12.82 6.78 -33.22
C GLY A 62 -11.95 7.01 -32.02
N VAL A 63 -12.52 7.43 -30.88
CA VAL A 63 -11.74 7.53 -29.65
C VAL A 63 -11.21 6.16 -29.25
N VAL A 64 -12.01 5.11 -29.47
CA VAL A 64 -11.58 3.73 -29.32
C VAL A 64 -11.58 3.11 -30.71
N LYS A 65 -10.44 2.53 -31.09
CA LYS A 65 -10.26 1.99 -32.42
C LYS A 65 -11.02 0.68 -32.60
N ASP A 66 -10.84 -0.24 -31.65
CA ASP A 66 -11.52 -1.53 -31.65
C ASP A 66 -11.41 -2.11 -30.25
N GLU A 67 -11.92 -3.33 -30.08
CA GLU A 67 -11.96 -3.97 -28.77
C GLU A 67 -10.60 -4.51 -28.34
N HIS A 68 -9.57 -4.41 -29.19
CA HIS A 68 -8.23 -4.86 -28.84
C HIS A 68 -7.31 -3.75 -28.40
N GLN A 69 -7.63 -2.48 -28.70
CA GLN A 69 -6.78 -1.37 -28.33
C GLN A 69 -6.53 -1.38 -26.82
N VAL A 70 -5.28 -1.22 -26.43
CA VAL A 70 -4.87 -1.29 -25.04
C VAL A 70 -4.84 0.11 -24.45
N PHE A 71 -5.53 0.30 -23.33
CA PHE A 71 -5.50 1.56 -22.59
C PHE A 71 -4.59 1.34 -21.39
N LYS A 72 -3.40 1.93 -21.44
CA LYS A 72 -2.38 1.66 -20.45
C LYS A 72 -2.77 2.23 -19.11
N TRP A 73 -2.52 1.45 -18.05
CA TRP A 73 -2.67 1.97 -16.70
C TRP A 73 -1.83 3.23 -16.53
N ASP A 74 -2.42 4.25 -15.91
CA ASP A 74 -1.72 5.52 -15.73
C ASP A 74 -0.70 5.48 -14.61
N GLY A 75 -0.53 4.34 -13.93
CA GLY A 75 0.46 4.22 -12.89
C GLY A 75 0.03 4.73 -11.54
N GLN A 76 -1.20 5.24 -11.41
CA GLN A 76 -1.73 5.69 -10.14
C GLN A 76 -2.40 4.51 -9.45
N THR A 77 -1.91 4.16 -8.27
CA THR A 77 -2.48 3.05 -7.52
C THR A 77 -3.85 3.43 -6.97
N ARG A 78 -4.87 2.68 -7.35
CA ARG A 78 -6.23 2.86 -6.87
C ARG A 78 -6.63 1.65 -6.01
N ASP A 79 -7.74 1.79 -5.28
CA ASP A 79 -8.11 0.80 -4.28
C ASP A 79 -8.76 -0.45 -4.87
N ILE A 80 -9.10 -0.46 -6.16
CA ILE A 80 -9.60 -1.67 -6.82
C ILE A 80 -8.45 -2.26 -7.62
N ALA A 81 -7.95 -3.42 -7.16
CA ALA A 81 -6.73 -3.99 -7.71
C ALA A 81 -6.84 -4.21 -9.22
N THR A 82 -8.00 -4.68 -9.70
CA THR A 82 -8.13 -4.96 -11.13
C THR A 82 -8.01 -3.71 -11.98
N TRP A 83 -8.15 -2.52 -11.39
CA TRP A 83 -7.96 -1.29 -12.14
C TRP A 83 -6.49 -0.92 -12.35
N ASN A 84 -5.58 -1.51 -11.57
CA ASN A 84 -4.17 -1.14 -11.63
C ASN A 84 -3.42 -2.02 -12.65
N ARG A 85 -3.91 -1.98 -13.88
CA ARG A 85 -3.36 -2.79 -14.95
C ARG A 85 -3.86 -2.25 -16.29
N ASP A 86 -3.26 -2.73 -17.36
CA ASP A 86 -3.70 -2.36 -18.71
C ASP A 86 -5.04 -3.02 -19.01
N HIS A 87 -5.84 -2.36 -19.84
CA HIS A 87 -7.15 -2.88 -20.21
C HIS A 87 -7.42 -2.62 -21.69
N ASN A 88 -8.31 -3.44 -22.24
CA ASN A 88 -8.97 -3.14 -23.50
C ASN A 88 -10.45 -2.94 -23.22
N LEU A 89 -11.25 -2.74 -24.28
CA LEU A 89 -12.66 -2.45 -24.08
C LEU A 89 -13.34 -3.61 -23.35
N ILE A 90 -12.96 -4.85 -23.67
CA ILE A 90 -13.60 -6.01 -23.09
C ILE A 90 -13.36 -6.06 -21.58
N THR A 91 -12.09 -5.97 -21.17
CA THR A 91 -11.78 -6.10 -19.76
C THR A 91 -12.19 -4.84 -18.99
N ALA A 92 -12.14 -3.68 -19.62
CA ALA A 92 -12.58 -2.45 -18.96
C ALA A 92 -14.06 -2.50 -18.60
N MET A 93 -14.89 -3.08 -19.49
CA MET A 93 -16.28 -3.29 -19.16
C MET A 93 -16.43 -4.34 -18.07
N LYS A 94 -15.75 -5.48 -18.21
CA LYS A 94 -15.87 -6.57 -17.26
C LYS A 94 -15.58 -6.10 -15.83
N TYR A 95 -14.54 -5.28 -15.66
CA TYR A 95 -14.11 -4.85 -14.34
C TYR A 95 -14.55 -3.42 -14.02
N SER A 96 -15.48 -2.86 -14.78
CA SER A 96 -16.02 -1.51 -14.55
C SER A 96 -14.91 -0.51 -14.25
N VAL A 97 -13.94 -0.43 -15.16
CA VAL A 97 -12.74 0.36 -14.89
C VAL A 97 -13.03 1.83 -15.14
N VAL A 98 -13.54 2.50 -14.11
CA VAL A 98 -13.94 3.91 -14.23
C VAL A 98 -12.86 4.78 -14.87
N PRO A 99 -11.61 4.76 -14.41
CA PRO A 99 -10.63 5.74 -14.94
C PRO A 99 -10.38 5.60 -16.43
N VAL A 100 -10.55 4.41 -17.00
CA VAL A 100 -10.44 4.28 -18.45
C VAL A 100 -11.58 5.03 -19.13
N TYR A 101 -12.80 4.90 -18.60
CA TYR A 101 -13.95 5.55 -19.21
C TYR A 101 -13.98 7.05 -18.93
N GLN A 102 -13.36 7.50 -17.84
CA GLN A 102 -13.24 8.94 -17.64
C GLN A 102 -12.40 9.58 -18.73
N GLU A 103 -11.32 8.92 -19.15
CA GLU A 103 -10.51 9.43 -20.24
C GLU A 103 -11.28 9.41 -21.56
N PHE A 104 -12.06 8.35 -21.80
CA PHE A 104 -12.94 8.34 -22.96
C PHE A 104 -13.78 9.62 -23.00
N ALA A 105 -14.44 9.92 -21.87
CA ALA A 105 -15.36 11.06 -21.83
C ALA A 105 -14.62 12.37 -22.08
N ARG A 106 -13.41 12.51 -21.52
CA ARG A 106 -12.63 13.72 -21.75
C ARG A 106 -12.32 13.89 -23.23
N GLN A 107 -12.00 12.80 -23.92
CA GLN A 107 -11.69 12.89 -25.35
C GLN A 107 -12.95 13.09 -26.19
N ILE A 108 -14.07 12.50 -25.77
CA ILE A 108 -15.34 12.76 -26.45
C ILE A 108 -15.71 14.23 -26.36
N GLY A 109 -15.66 14.79 -25.15
CA GLY A 109 -15.97 16.18 -24.94
C GLY A 109 -17.46 16.42 -24.69
N GLU A 110 -17.74 17.55 -24.03
CA GLU A 110 -19.10 17.89 -23.63
C GLU A 110 -20.04 17.95 -24.82
N ALA A 111 -19.66 18.68 -25.86
CA ALA A 111 -20.59 18.94 -26.97
C ALA A 111 -21.01 17.65 -27.65
N ARG A 112 -20.05 16.80 -27.99
CA ARG A 112 -20.39 15.56 -28.69
C ARG A 112 -21.10 14.58 -27.78
N MET A 113 -20.71 14.51 -26.51
CA MET A 113 -21.40 13.65 -25.57
C MET A 113 -22.86 14.05 -25.44
N SER A 114 -23.12 15.35 -25.33
CA SER A 114 -24.49 15.83 -25.17
C SER A 114 -25.34 15.48 -26.39
N LYS A 115 -24.85 15.77 -27.59
CA LYS A 115 -25.60 15.46 -28.80
C LYS A 115 -25.90 13.98 -28.90
N MET A 116 -24.92 13.13 -28.59
CA MET A 116 -25.09 11.69 -28.77
C MET A 116 -26.13 11.13 -27.80
N LEU A 117 -26.13 11.60 -26.55
CA LEU A 117 -27.13 11.11 -25.61
C LEU A 117 -28.53 11.55 -26.01
N HIS A 118 -28.66 12.74 -26.62
CA HIS A 118 -29.96 13.14 -27.16
C HIS A 118 -30.36 12.24 -28.32
N ALA A 119 -29.41 11.94 -29.21
CA ALA A 119 -29.72 11.03 -30.31
C ALA A 119 -30.12 9.65 -29.81
N PHE A 120 -29.55 9.20 -28.70
CA PHE A 120 -29.92 7.93 -28.10
C PHE A 120 -31.21 7.98 -27.31
N ASP A 121 -31.76 9.18 -27.07
CA ASP A 121 -32.93 9.34 -26.21
C ASP A 121 -32.64 8.76 -24.82
N TYR A 122 -31.41 8.94 -24.35
CA TYR A 122 -30.92 8.24 -23.16
C TYR A 122 -31.26 9.03 -21.91
N GLY A 123 -32.18 8.48 -21.10
CA GLY A 123 -32.52 9.09 -19.82
C GLY A 123 -32.95 10.52 -19.98
N ASN A 124 -32.54 11.37 -19.05
CA ASN A 124 -32.85 12.79 -19.14
C ASN A 124 -31.84 13.56 -19.99
N GLU A 125 -30.88 12.85 -20.60
CA GLU A 125 -29.99 13.44 -21.62
C GLU A 125 -29.18 14.61 -21.08
N ASP A 126 -29.02 14.72 -19.78
CA ASP A 126 -28.45 15.90 -19.13
C ASP A 126 -27.08 15.55 -18.58
N ILE A 127 -26.03 16.13 -19.17
CA ILE A 127 -24.66 15.85 -18.77
C ILE A 127 -24.12 16.90 -17.81
N SER A 128 -24.99 17.71 -17.21
CA SER A 128 -24.52 18.75 -16.30
C SER A 128 -23.62 18.13 -15.23
N GLY A 129 -22.55 18.84 -14.91
CA GLY A 129 -21.52 18.35 -14.01
C GLY A 129 -20.20 18.28 -14.73
N ASN A 130 -19.26 17.55 -14.12
CA ASN A 130 -17.95 17.37 -14.72
C ASN A 130 -18.02 16.32 -15.83
N VAL A 131 -17.42 16.65 -16.98
CA VAL A 131 -17.49 15.75 -18.13
C VAL A 131 -16.89 14.39 -17.82
N ASP A 132 -15.96 14.31 -16.85
CA ASP A 132 -15.32 13.04 -16.56
C ASP A 132 -15.93 12.34 -15.36
N SER A 133 -17.09 12.80 -14.88
CA SER A 133 -17.74 12.11 -13.77
C SER A 133 -19.25 12.29 -13.72
N PHE A 134 -19.89 12.91 -14.72
CA PHE A 134 -21.30 13.28 -14.57
C PHE A 134 -22.20 12.07 -14.36
N TRP A 135 -21.81 10.90 -14.86
CA TRP A 135 -22.61 9.69 -14.64
C TRP A 135 -22.45 9.13 -13.24
N LEU A 136 -21.52 9.68 -12.45
CA LEU A 136 -21.34 9.28 -11.06
C LEU A 136 -21.86 10.30 -10.07
N ASP A 137 -21.75 11.60 -10.38
CA ASP A 137 -22.21 12.62 -9.44
C ASP A 137 -22.73 13.88 -10.14
N GLY A 138 -23.11 13.79 -11.41
CA GLY A 138 -23.68 14.90 -12.13
C GLY A 138 -25.19 14.82 -12.20
N GLY A 139 -25.75 15.48 -13.20
CA GLY A 139 -27.18 15.62 -13.32
C GLY A 139 -27.89 14.56 -14.13
N ILE A 140 -27.16 13.61 -14.73
CA ILE A 140 -27.79 12.62 -15.60
C ILE A 140 -28.55 11.61 -14.75
N ARG A 141 -29.73 11.21 -15.23
CA ARG A 141 -30.59 10.26 -14.55
C ARG A 141 -31.27 9.37 -15.57
N ILE A 142 -31.55 8.13 -15.17
CA ILE A 142 -32.26 7.20 -16.05
C ILE A 142 -33.04 6.24 -15.17
N SER A 143 -34.23 5.86 -15.64
CA SER A 143 -35.08 4.90 -14.96
C SER A 143 -34.86 3.50 -15.53
N ALA A 144 -35.37 2.49 -14.82
CA ALA A 144 -35.28 1.11 -15.28
C ALA A 144 -36.02 0.92 -16.59
N THR A 145 -37.20 1.53 -16.74
CA THR A 145 -37.94 1.39 -18.00
C THR A 145 -37.21 2.09 -19.13
N GLU A 146 -36.57 3.23 -18.84
CA GLU A 146 -35.76 3.90 -19.86
C GLU A 146 -34.53 3.07 -20.23
N GLN A 147 -33.94 2.34 -19.28
CA GLN A 147 -32.85 1.44 -19.63
C GLN A 147 -33.32 0.39 -20.62
N ILE A 148 -34.52 -0.15 -20.41
CA ILE A 148 -35.06 -1.18 -21.31
C ILE A 148 -35.20 -0.60 -22.72
N SER A 149 -35.78 0.60 -22.81
CA SER A 149 -35.99 1.25 -24.11
C SER A 149 -34.68 1.44 -24.85
N PHE A 150 -33.64 1.87 -24.15
CA PHE A 150 -32.33 2.06 -24.76
C PHE A 150 -31.72 0.73 -25.19
N LEU A 151 -31.80 -0.29 -24.33
CA LEU A 151 -31.22 -1.59 -24.65
C LEU A 151 -31.92 -2.24 -25.83
N ARG A 152 -33.23 -2.05 -25.97
CA ARG A 152 -33.93 -2.64 -27.10
C ARG A 152 -33.42 -2.06 -28.42
N LYS A 153 -33.17 -0.76 -28.46
CA LYS A 153 -32.59 -0.16 -29.66
C LYS A 153 -31.22 -0.75 -29.96
N LEU A 154 -30.38 -0.89 -28.94
CA LEU A 154 -29.06 -1.47 -29.13
C LEU A 154 -29.15 -2.88 -29.70
N TYR A 155 -30.02 -3.70 -29.11
CA TYR A 155 -30.18 -5.07 -29.59
C TYR A 155 -30.51 -5.10 -31.08
N HIS A 156 -31.37 -4.20 -31.53
CA HIS A 156 -31.82 -4.19 -32.91
C HIS A 156 -30.94 -3.34 -33.82
N ASN A 157 -29.80 -2.85 -33.34
CA ASN A 157 -28.90 -2.01 -34.13
C ASN A 157 -29.59 -0.75 -34.62
N LYS A 158 -30.52 -0.22 -33.84
CA LYS A 158 -31.31 0.94 -34.24
C LYS A 158 -30.79 2.25 -33.64
N LEU A 159 -29.75 2.21 -32.81
CA LEU A 159 -29.17 3.44 -32.32
C LEU A 159 -28.44 4.17 -33.44
N HIS A 160 -28.30 5.47 -33.28
CA HIS A 160 -27.73 6.33 -34.32
C HIS A 160 -26.20 6.34 -34.24
N VAL A 161 -25.63 5.13 -34.23
CA VAL A 161 -24.21 4.91 -34.47
C VAL A 161 -24.10 3.72 -35.43
N SER A 162 -22.89 3.43 -35.86
CA SER A 162 -22.74 2.38 -36.87
C SER A 162 -23.13 1.03 -36.31
N GLU A 163 -23.51 0.12 -37.22
CA GLU A 163 -23.76 -1.26 -36.82
C GLU A 163 -22.53 -1.85 -36.15
N ARG A 164 -21.33 -1.54 -36.66
CA ARG A 164 -20.11 -2.07 -36.10
C ARG A 164 -19.96 -1.68 -34.63
N SER A 165 -20.15 -0.39 -34.33
CA SER A 165 -20.05 0.07 -32.95
C SER A 165 -21.01 -0.69 -32.04
N GLN A 166 -22.23 -0.93 -32.53
CA GLN A 166 -23.21 -1.62 -31.72
C GLN A 166 -22.86 -3.09 -31.54
N ARG A 167 -22.32 -3.73 -32.58
CA ARG A 167 -21.88 -5.12 -32.44
C ARG A 167 -20.73 -5.24 -31.44
N ILE A 168 -19.78 -4.31 -31.48
CA ILE A 168 -18.63 -4.39 -30.58
C ILE A 168 -19.09 -4.24 -29.13
N VAL A 169 -19.98 -3.28 -28.86
CA VAL A 169 -20.42 -3.09 -27.48
C VAL A 169 -21.22 -4.29 -26.99
N LYS A 170 -22.05 -4.88 -27.85
CA LYS A 170 -22.79 -6.06 -27.42
C LYS A 170 -21.84 -7.23 -27.14
N GLN A 171 -20.74 -7.34 -27.89
CA GLN A 171 -19.72 -8.32 -27.54
C GLN A 171 -19.15 -8.03 -26.16
N ALA A 172 -18.78 -6.78 -25.90
CA ALA A 172 -18.19 -6.41 -24.62
C ALA A 172 -19.16 -6.56 -23.45
N MET A 173 -20.46 -6.57 -23.72
CA MET A 173 -21.46 -6.79 -22.68
C MET A 173 -21.63 -8.27 -22.32
N LEU A 174 -21.02 -9.17 -23.08
CA LEU A 174 -21.19 -10.60 -22.81
C LEU A 174 -20.81 -10.90 -21.37
N THR A 175 -21.75 -11.50 -20.64
CA THR A 175 -21.57 -11.80 -19.22
C THR A 175 -21.62 -13.28 -18.93
N GLU A 176 -22.54 -14.01 -19.56
CA GLU A 176 -22.71 -15.43 -19.26
C GLU A 176 -23.31 -16.11 -20.47
N ALA A 177 -22.89 -17.35 -20.72
CA ALA A 177 -23.43 -18.11 -21.83
C ALA A 177 -23.30 -19.59 -21.53
N ASN A 178 -24.35 -20.34 -21.84
CA ASN A 178 -24.35 -21.79 -21.74
C ASN A 178 -25.33 -22.33 -22.76
N GLY A 179 -25.61 -23.63 -22.70
CA GLY A 179 -26.52 -24.23 -23.65
C GLY A 179 -27.95 -23.80 -23.52
N ASP A 180 -28.30 -23.07 -22.46
CA ASP A 180 -29.68 -22.64 -22.23
C ASP A 180 -29.94 -21.17 -22.52
N TYR A 181 -28.95 -20.30 -22.29
CA TYR A 181 -29.20 -18.87 -22.49
C TYR A 181 -27.87 -18.14 -22.63
N ILE A 182 -27.96 -16.91 -23.12
CA ILE A 182 -26.86 -15.96 -23.16
C ILE A 182 -27.33 -14.69 -22.47
N ILE A 183 -26.49 -14.16 -21.57
CA ILE A 183 -26.77 -12.89 -20.92
C ILE A 183 -25.73 -11.87 -21.36
N ARG A 184 -26.20 -10.75 -21.90
CA ARG A 184 -25.40 -9.56 -22.14
C ARG A 184 -25.92 -8.45 -21.24
N ALA A 185 -25.05 -7.85 -20.44
CA ALA A 185 -25.50 -6.94 -19.39
C ALA A 185 -24.34 -6.10 -18.88
N LYS A 186 -24.69 -5.13 -18.02
CA LYS A 186 -23.70 -4.28 -17.36
C LYS A 186 -24.20 -3.95 -15.97
N THR A 187 -23.32 -4.12 -14.98
CA THR A 187 -23.62 -3.76 -13.60
C THR A 187 -23.37 -2.27 -13.35
N GLY A 188 -23.96 -1.78 -12.28
CA GLY A 188 -23.72 -0.41 -11.85
C GLY A 188 -23.81 -0.32 -10.34
N TYR A 189 -23.06 0.64 -9.78
CA TYR A 189 -22.99 0.85 -8.34
C TYR A 189 -22.87 2.35 -8.10
N SER A 190 -23.95 2.97 -7.63
CA SER A 190 -24.02 4.41 -7.42
C SER A 190 -23.96 4.73 -5.92
N THR A 191 -22.90 5.43 -5.50
CA THR A 191 -22.70 5.76 -4.09
C THR A 191 -22.56 7.24 -3.78
N ARG A 192 -22.32 8.10 -4.78
CA ARG A 192 -21.99 9.50 -4.52
C ARG A 192 -23.22 10.36 -4.26
N ILE A 193 -24.40 9.93 -4.70
CA ILE A 193 -25.63 10.66 -4.47
C ILE A 193 -26.66 9.69 -3.89
N GLU A 194 -27.36 10.14 -2.86
CA GLU A 194 -28.38 9.32 -2.24
C GLU A 194 -29.60 9.20 -3.15
N PRO A 195 -30.29 8.04 -3.14
CA PRO A 195 -29.97 6.84 -2.37
C PRO A 195 -28.93 5.98 -3.08
N LYS A 196 -28.04 5.34 -2.31
CA LYS A 196 -27.06 4.45 -2.91
C LYS A 196 -27.76 3.21 -3.45
N ILE A 197 -27.47 2.86 -4.71
CA ILE A 197 -28.15 1.77 -5.38
C ILE A 197 -27.15 0.93 -6.18
N GLY A 198 -27.57 -0.29 -6.49
CA GLY A 198 -26.91 -1.12 -7.47
C GLY A 198 -27.84 -1.33 -8.65
N TRP A 199 -27.23 -1.44 -9.83
CA TRP A 199 -27.92 -1.69 -11.09
C TRP A 199 -27.49 -3.04 -11.66
N TRP A 200 -28.40 -3.66 -12.42
CA TRP A 200 -28.01 -4.65 -13.42
C TRP A 200 -29.00 -4.53 -14.56
N VAL A 201 -28.51 -4.25 -15.77
CA VAL A 201 -29.35 -4.05 -16.95
C VAL A 201 -28.76 -4.86 -18.10
N GLY A 202 -29.63 -5.38 -18.94
CA GLY A 202 -29.18 -6.19 -20.08
C GLY A 202 -30.34 -6.98 -20.67
N TRP A 203 -30.00 -8.17 -21.18
CA TRP A 203 -31.04 -9.04 -21.70
C TRP A 203 -30.57 -10.50 -21.69
N VAL A 204 -31.55 -11.38 -21.82
CA VAL A 204 -31.36 -12.83 -21.86
C VAL A 204 -31.77 -13.30 -23.24
N GLU A 205 -30.83 -13.88 -23.99
CA GLU A 205 -31.10 -14.43 -25.31
C GLU A 205 -31.47 -15.90 -25.17
N LEU A 206 -32.64 -16.27 -25.68
CA LEU A 206 -33.08 -17.66 -25.78
C LEU A 206 -33.13 -18.05 -27.24
N ASP A 207 -33.36 -19.34 -27.49
CA ASP A 207 -33.44 -19.83 -28.87
C ASP A 207 -34.45 -19.03 -29.68
N ASP A 208 -35.61 -18.73 -29.08
CA ASP A 208 -36.76 -18.22 -29.83
C ASP A 208 -37.31 -16.91 -29.28
N ASN A 209 -36.63 -16.25 -28.36
CA ASN A 209 -37.12 -15.01 -27.76
C ASN A 209 -35.97 -14.34 -27.05
N VAL A 210 -36.18 -13.07 -26.68
CA VAL A 210 -35.24 -12.29 -25.90
C VAL A 210 -36.03 -11.61 -24.78
N TRP A 211 -35.50 -11.71 -23.56
CA TRP A 211 -36.08 -11.06 -22.39
C TRP A 211 -35.13 -9.95 -21.95
N PHE A 212 -35.55 -8.70 -22.12
CA PHE A 212 -34.79 -7.57 -21.60
C PHE A 212 -35.09 -7.40 -20.12
N PHE A 213 -34.08 -6.94 -19.36
CA PHE A 213 -34.27 -6.73 -17.94
C PHE A 213 -33.50 -5.50 -17.48
N ALA A 214 -34.03 -4.86 -16.45
CA ALA A 214 -33.35 -3.78 -15.77
C ALA A 214 -33.80 -3.76 -14.32
N MET A 215 -32.84 -3.80 -13.41
CA MET A 215 -33.13 -3.80 -11.99
C MET A 215 -32.24 -2.79 -11.29
N ASN A 216 -32.77 -2.17 -10.24
CA ASN A 216 -31.93 -1.47 -9.28
C ASN A 216 -32.45 -1.78 -7.89
N MET A 217 -31.57 -1.61 -6.90
CA MET A 217 -31.88 -1.97 -5.53
C MET A 217 -31.06 -1.10 -4.60
N ASP A 218 -31.61 -0.86 -3.41
CA ASP A 218 -30.87 -0.13 -2.39
C ASP A 218 -29.59 -0.88 -2.05
N MET A 219 -28.50 -0.14 -1.88
CA MET A 219 -27.17 -0.72 -1.66
C MET A 219 -26.46 0.11 -0.60
N PRO A 220 -26.88 -0.03 0.66
CA PRO A 220 -26.26 0.77 1.74
C PRO A 220 -24.78 0.48 1.94
N THR A 221 -24.33 -0.75 1.66
CA THR A 221 -22.91 -1.08 1.69
C THR A 221 -22.60 -1.98 0.50
N SER A 222 -21.31 -2.11 0.19
CA SER A 222 -20.88 -2.96 -0.90
C SER A 222 -21.11 -4.43 -0.61
N ASP A 223 -21.49 -4.79 0.62
CA ASP A 223 -21.65 -6.20 0.98
C ASP A 223 -22.75 -6.87 0.16
N GLY A 224 -23.72 -6.11 -0.32
CA GLY A 224 -24.85 -6.67 -1.03
C GLY A 224 -24.75 -6.67 -2.54
N LEU A 225 -23.59 -6.34 -3.12
CA LEU A 225 -23.50 -6.17 -4.56
C LEU A 225 -23.89 -7.45 -5.30
N GLY A 226 -23.53 -8.60 -4.75
CA GLY A 226 -23.88 -9.86 -5.39
C GLY A 226 -25.37 -10.09 -5.52
N LEU A 227 -26.18 -9.36 -4.75
CA LEU A 227 -27.63 -9.53 -4.83
C LEU A 227 -28.21 -8.99 -6.13
N ARG A 228 -27.49 -8.09 -6.81
CA ARG A 228 -27.99 -7.56 -8.07
C ARG A 228 -28.27 -8.70 -9.06
N GLN A 229 -27.29 -9.59 -9.25
CA GLN A 229 -27.46 -10.72 -10.14
C GLN A 229 -28.31 -11.81 -9.51
N ALA A 230 -28.12 -12.07 -8.22
CA ALA A 230 -28.82 -13.16 -7.57
C ALA A 230 -30.33 -12.93 -7.58
N ILE A 231 -30.76 -11.73 -7.22
CA ILE A 231 -32.20 -11.42 -7.21
C ILE A 231 -32.78 -11.47 -8.62
N THR A 232 -32.06 -10.90 -9.59
CA THR A 232 -32.54 -10.93 -10.97
C THR A 232 -32.75 -12.36 -11.45
N LYS A 233 -31.78 -13.23 -11.18
CA LYS A 233 -31.89 -14.60 -11.66
C LYS A 233 -33.02 -15.35 -10.96
N GLU A 234 -33.27 -15.06 -9.69
CA GLU A 234 -34.40 -15.68 -9.02
C GLU A 234 -35.71 -15.31 -9.69
N VAL A 235 -35.85 -14.04 -10.07
CA VAL A 235 -37.04 -13.62 -10.82
C VAL A 235 -37.11 -14.34 -12.15
N LEU A 236 -35.98 -14.41 -12.86
CA LEU A 236 -35.96 -15.14 -14.13
C LEU A 236 -36.35 -16.60 -13.92
N LYS A 237 -35.84 -17.22 -12.86
CA LYS A 237 -36.19 -18.61 -12.59
C LYS A 237 -37.67 -18.76 -12.27
N GLN A 238 -38.22 -17.86 -11.44
CA GLN A 238 -39.64 -17.91 -11.11
C GLN A 238 -40.50 -17.84 -12.36
N GLU A 239 -40.14 -16.98 -13.31
CA GLU A 239 -40.92 -16.83 -14.53
C GLU A 239 -40.54 -17.86 -15.59
N LYS A 240 -39.73 -18.86 -15.26
CA LYS A 240 -39.42 -19.94 -16.20
C LYS A 240 -38.69 -19.42 -17.44
N ILE A 241 -37.94 -18.33 -17.30
CA ILE A 241 -37.12 -17.81 -18.39
C ILE A 241 -35.80 -18.56 -18.46
N ILE A 242 -35.22 -18.88 -17.30
CA ILE A 242 -34.03 -19.72 -17.23
C ILE A 242 -34.34 -20.88 -16.30
N PRO A 243 -33.71 -22.05 -16.47
CA PRO A 243 -33.94 -23.17 -15.55
C PRO A 243 -33.41 -22.90 -14.15
N GLU B 2 17.52 22.76 13.36
CA GLU B 2 16.24 23.35 12.99
C GLU B 2 15.13 22.31 13.03
N TRP B 3 15.44 21.11 12.55
CA TRP B 3 14.50 19.99 12.55
C TRP B 3 15.11 18.83 13.31
N GLN B 4 14.32 18.24 14.20
CA GLN B 4 14.76 17.11 15.00
C GLN B 4 13.76 15.98 14.85
N GLU B 5 14.27 14.76 14.70
CA GLU B 5 13.44 13.59 14.53
C GLU B 5 13.36 12.84 15.86
N ASN B 6 12.14 12.61 16.33
CA ASN B 6 11.88 11.96 17.61
C ASN B 6 11.04 10.72 17.31
N LYS B 7 11.72 9.59 17.08
CA LYS B 7 11.00 8.37 16.73
C LYS B 7 10.21 7.78 17.90
N SER B 8 10.31 8.36 19.09
CA SER B 8 9.54 7.82 20.21
C SER B 8 8.06 8.11 20.07
N TRP B 9 7.69 9.15 19.30
CA TRP B 9 6.28 9.39 19.01
C TRP B 9 5.67 8.27 18.18
N ASN B 10 6.48 7.47 17.47
CA ASN B 10 5.94 6.37 16.70
C ASN B 10 5.10 5.44 17.59
N ALA B 11 5.45 5.36 18.88
CA ALA B 11 4.67 4.54 19.80
C ALA B 11 3.20 4.96 19.82
N HIS B 12 2.92 6.26 19.67
CA HIS B 12 1.53 6.71 19.70
C HIS B 12 0.75 6.23 18.48
N PHE B 13 1.43 6.00 17.36
CA PHE B 13 0.76 5.43 16.20
C PHE B 13 0.66 3.92 16.32
N THR B 14 1.74 3.28 16.76
CA THR B 14 1.78 1.81 16.85
C THR B 14 0.75 1.29 17.85
N GLU B 15 0.59 1.97 18.98
CA GLU B 15 -0.38 1.54 19.98
C GLU B 15 -1.80 1.50 19.44
N HIS B 16 -2.10 2.29 18.40
CA HIS B 16 -3.39 2.26 17.74
C HIS B 16 -3.33 1.51 16.40
N LYS B 17 -2.30 0.68 16.20
CA LYS B 17 -2.15 -0.09 14.97
C LYS B 17 -2.25 0.81 13.74
N SER B 18 -1.66 2.00 13.84
CA SER B 18 -1.72 3.00 12.78
C SER B 18 -0.31 3.38 12.33
N GLN B 19 -0.25 4.18 11.27
CA GLN B 19 0.99 4.74 10.78
C GLN B 19 0.73 6.18 10.36
N GLY B 20 1.69 7.06 10.62
CA GLY B 20 1.50 8.46 10.26
C GLY B 20 2.65 9.31 10.74
N VAL B 21 2.45 10.62 10.63
CA VAL B 21 3.46 11.59 11.02
C VAL B 21 2.78 12.72 11.77
N VAL B 22 3.43 13.20 12.82
CA VAL B 22 3.09 14.45 13.47
C VAL B 22 4.27 15.38 13.30
N VAL B 23 3.99 16.64 12.95
CA VAL B 23 5.01 17.67 12.85
C VAL B 23 4.61 18.81 13.79
N LEU B 24 5.54 19.21 14.65
CA LEU B 24 5.34 20.32 15.58
C LEU B 24 6.34 21.42 15.28
N TRP B 25 5.92 22.67 15.49
CA TRP B 25 6.80 23.82 15.32
C TRP B 25 6.66 24.74 16.53
N ASN B 26 7.77 24.96 17.23
CA ASN B 26 7.84 25.87 18.38
C ASN B 26 8.14 27.26 17.86
N GLU B 27 7.15 28.15 17.90
CA GLU B 27 7.30 29.47 17.28
C GLU B 27 8.36 30.30 17.98
N ASN B 28 8.35 30.33 19.31
CA ASN B 28 9.33 31.13 20.04
C ASN B 28 10.76 30.72 19.69
N LYS B 29 11.02 29.41 19.68
CA LYS B 29 12.37 28.90 19.45
C LYS B 29 12.68 28.63 17.99
N GLN B 30 11.69 28.71 17.11
CA GLN B 30 11.89 28.46 15.68
C GLN B 30 12.55 27.09 15.47
N GLN B 31 11.96 26.08 16.09
CA GLN B 31 12.47 24.71 16.00
C GLN B 31 11.31 23.76 15.72
N GLY B 32 11.57 22.77 14.87
CA GLY B 32 10.58 21.79 14.49
C GLY B 32 10.92 20.40 14.96
N PHE B 33 9.89 19.56 15.10
CA PHE B 33 10.03 18.21 15.64
C PHE B 33 9.05 17.30 14.93
N THR B 34 9.49 16.08 14.60
CA THR B 34 8.62 15.13 13.92
C THR B 34 9.11 13.72 14.18
N ASN B 35 8.20 12.75 14.07
CA ASN B 35 8.57 11.36 14.21
C ASN B 35 9.12 10.75 12.93
N ASN B 36 8.90 11.38 11.78
CA ASN B 36 9.27 10.77 10.51
C ASN B 36 9.57 11.90 9.51
N LEU B 37 10.85 12.22 9.36
CA LEU B 37 11.23 13.29 8.46
C LEU B 37 10.79 13.01 7.02
N LYS B 38 10.88 11.76 6.57
CA LYS B 38 10.48 11.47 5.20
C LYS B 38 9.00 11.74 5.00
N ARG B 39 8.14 11.13 5.83
CA ARG B 39 6.72 11.32 5.64
C ARG B 39 6.29 12.76 5.90
N ALA B 40 7.01 13.48 6.76
CA ALA B 40 6.70 14.88 6.99
C ALA B 40 6.79 15.69 5.72
N ASN B 41 7.61 15.26 4.76
CA ASN B 41 7.79 15.98 3.51
C ASN B 41 7.16 15.29 2.31
N GLN B 42 6.39 14.23 2.53
CA GLN B 42 5.65 13.59 1.45
C GLN B 42 4.32 14.32 1.23
N ALA B 43 3.94 14.45 -0.04
CA ALA B 43 2.81 15.28 -0.44
C ALA B 43 1.53 14.44 -0.60
N PHE B 44 0.46 14.89 0.05
CA PHE B 44 -0.83 14.22 -0.03
C PHE B 44 -1.91 15.20 -0.50
N LEU B 45 -3.04 14.63 -0.93
CA LEU B 45 -4.23 15.46 -1.15
C LEU B 45 -4.56 16.22 0.13
N PRO B 46 -4.86 17.53 0.06
CA PRO B 46 -5.23 18.25 1.28
C PRO B 46 -6.62 17.92 1.78
N ALA B 47 -7.49 17.43 0.90
CA ALA B 47 -8.89 17.19 1.22
C ALA B 47 -9.44 18.38 2.00
N SER B 48 -10.19 18.16 3.08
CA SER B 48 -10.92 19.25 3.70
C SER B 48 -10.02 20.25 4.44
N THR B 49 -8.71 19.98 4.60
CA THR B 49 -7.85 21.05 5.10
C THR B 49 -7.77 22.19 4.10
N PHE B 50 -8.15 21.95 2.85
CA PHE B 50 -8.18 23.00 1.83
C PHE B 50 -9.26 24.05 2.13
N KCX B 51 -10.14 23.76 3.07
CA KCX B 51 -11.20 24.71 3.40
CB KCX B 51 -12.25 24.09 4.32
CG KCX B 51 -13.11 23.06 3.57
CD KCX B 51 -14.29 22.58 4.38
CE KCX B 51 -15.21 21.69 3.56
NZ KCX B 51 -14.52 20.46 3.06
C KCX B 51 -10.59 25.97 4.02
O KCX B 51 -11.21 27.03 4.01
CX KCX B 51 -14.11 20.34 1.81
OQ1 KCX B 51 -14.31 21.25 0.98
OQ2 KCX B 51 -13.52 19.29 1.45
H KCX B 51 -10.17 23.03 3.52
HA KCX B 51 -11.65 24.98 2.57
HB2 KCX B 51 -11.80 23.62 5.04
HG2 KCX B 51 -13.46 23.47 2.76
HD2 KCX B 51 -14.80 23.34 4.69
HE2 KCX B 51 -15.96 21.41 4.10
N ILE B 52 -9.35 25.88 4.51
CA ILE B 52 -8.69 27.07 5.05
C ILE B 52 -8.38 28.05 3.91
N PRO B 53 -7.56 27.65 2.93
CA PRO B 53 -7.31 28.58 1.81
C PRO B 53 -8.57 28.90 1.01
N ASN B 54 -9.44 27.92 0.83
CA ASN B 54 -10.68 28.18 0.10
C ASN B 54 -11.48 29.28 0.78
N SER B 55 -11.58 29.23 2.12
CA SER B 55 -12.28 30.27 2.85
C SER B 55 -11.64 31.64 2.65
N LEU B 56 -10.31 31.70 2.74
CA LEU B 56 -9.60 32.97 2.59
C LEU B 56 -9.89 33.59 1.23
N ILE B 57 -9.83 32.78 0.18
CA ILE B 57 -10.00 33.31 -1.18
C ILE B 57 -11.44 33.77 -1.37
N ALA B 58 -12.41 32.98 -0.91
CA ALA B 58 -13.81 33.34 -1.05
C ALA B 58 -14.11 34.65 -0.32
N LEU B 59 -13.57 34.82 0.88
CA LEU B 59 -13.80 36.06 1.62
C LEU B 59 -13.15 37.25 0.91
N ASP B 60 -11.89 37.09 0.48
CA ASP B 60 -11.16 38.24 -0.02
C ASP B 60 -11.69 38.71 -1.37
N LEU B 61 -12.30 37.82 -2.15
CA LEU B 61 -12.91 38.17 -3.42
C LEU B 61 -14.37 38.59 -3.29
N GLY B 62 -14.95 38.51 -2.10
CA GLY B 62 -16.34 38.88 -1.94
C GLY B 62 -17.33 37.80 -2.31
N VAL B 63 -16.87 36.59 -2.63
CA VAL B 63 -17.80 35.47 -2.83
C VAL B 63 -18.55 35.19 -1.54
N VAL B 64 -17.86 35.31 -0.40
CA VAL B 64 -18.46 35.25 0.92
C VAL B 64 -18.37 36.63 1.54
N LYS B 65 -19.50 37.18 1.98
CA LYS B 65 -19.54 38.53 2.53
C LYS B 65 -18.92 38.57 3.92
N ASP B 66 -19.35 37.66 4.80
CA ASP B 66 -18.86 37.61 6.17
C ASP B 66 -19.23 36.25 6.74
N GLU B 67 -18.91 36.04 8.02
CA GLU B 67 -19.13 34.75 8.66
C GLU B 67 -20.58 34.50 9.01
N HIS B 68 -21.47 35.45 8.73
CA HIS B 68 -22.90 35.31 8.99
C HIS B 68 -23.72 34.95 7.75
N GLN B 69 -23.17 35.18 6.56
CA GLN B 69 -23.91 34.90 5.34
C GLN B 69 -24.35 33.45 5.31
N VAL B 70 -25.62 33.24 5.00
CA VAL B 70 -26.22 31.90 5.02
C VAL B 70 -26.11 31.30 3.63
N PHE B 71 -25.58 30.09 3.55
CA PHE B 71 -25.52 29.33 2.31
C PHE B 71 -26.61 28.27 2.39
N LYS B 72 -27.67 28.47 1.63
CA LYS B 72 -28.86 27.63 1.74
C LYS B 72 -28.56 26.22 1.24
N TRP B 73 -29.07 25.22 1.96
CA TRP B 73 -29.03 23.84 1.47
C TRP B 73 -29.69 23.76 0.10
N ASP B 74 -29.05 23.06 -0.83
CA ASP B 74 -29.59 22.95 -2.18
C ASP B 74 -30.73 21.94 -2.27
N GLY B 75 -31.14 21.31 -1.17
CA GLY B 75 -32.26 20.41 -1.21
C GLY B 75 -31.94 19.00 -1.64
N GLN B 76 -30.68 18.71 -1.94
CA GLN B 76 -30.25 17.36 -2.30
C GLN B 76 -29.86 16.61 -1.04
N THR B 77 -30.54 15.51 -0.77
CA THR B 77 -30.25 14.72 0.43
C THR B 77 -28.91 14.00 0.25
N ARG B 78 -27.97 14.27 1.14
CA ARG B 78 -26.67 13.62 1.16
C ARG B 78 -26.57 12.75 2.40
N ASP B 79 -25.57 11.86 2.42
CA ASP B 79 -25.48 10.86 3.48
C ASP B 79 -24.91 11.43 4.79
N ILE B 80 -24.39 12.65 4.79
CA ILE B 80 -23.92 13.30 6.01
C ILE B 80 -25.04 14.21 6.47
N ALA B 81 -25.72 13.81 7.56
CA ALA B 81 -26.93 14.50 7.98
C ALA B 81 -26.69 16.00 8.20
N THR B 82 -25.55 16.35 8.80
CA THR B 82 -25.29 17.76 9.09
C THR B 82 -25.11 18.59 7.83
N TRP B 83 -24.91 17.96 6.67
CA TRP B 83 -24.83 18.69 5.41
C TRP B 83 -26.20 19.07 4.86
N ASN B 84 -27.27 18.43 5.33
CA ASN B 84 -28.61 18.66 4.79
C ASN B 84 -29.31 19.78 5.57
N ARG B 85 -28.70 20.95 5.56
N ARG B 85 -28.70 20.95 5.56
CA ARG B 85 -29.14 22.08 6.35
CA ARG B 85 -29.20 22.09 6.31
C ARG B 85 -28.44 23.33 5.84
C ARG B 85 -28.46 23.33 5.84
N ASP B 86 -28.97 24.49 6.24
CA ASP B 86 -28.31 25.76 5.93
C ASP B 86 -27.05 25.92 6.76
N HIS B 87 -26.07 26.63 6.22
CA HIS B 87 -24.80 26.84 6.90
C HIS B 87 -24.32 28.26 6.69
N ASN B 88 -23.47 28.72 7.61
CA ASN B 88 -22.63 29.88 7.39
C ASN B 88 -21.18 29.41 7.40
N LEU B 89 -20.25 30.36 7.30
CA LEU B 89 -18.84 29.99 7.23
C LEU B 89 -18.40 29.20 8.46
N ILE B 90 -18.90 29.60 9.63
CA ILE B 90 -18.50 28.95 10.88
C ILE B 90 -18.94 27.50 10.90
N THR B 91 -20.23 27.24 10.63
CA THR B 91 -20.73 25.89 10.71
C THR B 91 -20.26 25.05 9.52
N ALA B 92 -20.09 25.66 8.36
CA ALA B 92 -19.59 24.93 7.20
C ALA B 92 -18.17 24.39 7.44
N MET B 93 -17.34 25.18 8.13
CA MET B 93 -16.03 24.68 8.56
C MET B 93 -16.18 23.60 9.62
N LYS B 94 -16.99 23.86 10.64
CA LYS B 94 -17.14 22.92 11.74
C LYS B 94 -17.54 21.54 11.24
N TYR B 95 -18.49 21.47 10.31
CA TYR B 95 -19.00 20.19 9.83
C TYR B 95 -18.41 19.80 8.47
N SER B 96 -17.34 20.47 8.02
N SER B 96 -17.35 20.47 8.03
CA SER B 96 -16.64 20.12 6.79
CA SER B 96 -16.64 20.13 6.80
C SER B 96 -17.62 19.92 5.62
C SER B 96 -17.63 19.91 5.64
N VAL B 97 -18.46 20.92 5.41
CA VAL B 97 -19.55 20.81 4.44
C VAL B 97 -19.03 21.00 3.02
N VAL B 98 -18.59 19.89 2.42
CA VAL B 98 -18.01 19.92 1.07
C VAL B 98 -18.89 20.67 0.07
N PRO B 99 -20.19 20.39 -0.06
CA PRO B 99 -20.96 21.02 -1.15
C PRO B 99 -21.02 22.53 -1.06
N VAL B 100 -20.94 23.11 0.13
CA VAL B 100 -20.87 24.56 0.25
C VAL B 100 -19.56 25.07 -0.35
N TYR B 101 -18.45 24.39 -0.05
CA TYR B 101 -17.16 24.83 -0.54
C TYR B 101 -16.97 24.51 -2.01
N GLN B 102 -17.66 23.49 -2.53
CA GLN B 102 -17.64 23.27 -3.97
C GLN B 102 -18.24 24.46 -4.71
N GLU B 103 -19.33 25.02 -4.19
CA GLU B 103 -19.93 26.20 -4.81
C GLU B 103 -19.01 27.41 -4.68
N PHE B 104 -18.36 27.58 -3.52
CA PHE B 104 -17.34 28.63 -3.42
C PHE B 104 -16.35 28.52 -4.58
N ALA B 105 -15.83 27.32 -4.80
CA ALA B 105 -14.79 27.14 -5.81
C ALA B 105 -15.30 27.47 -7.20
N ARG B 106 -16.54 27.08 -7.52
CA ARG B 106 -17.10 27.40 -8.83
C ARG B 106 -17.23 28.91 -9.01
N GLN B 107 -17.62 29.64 -7.96
CA GLN B 107 -17.74 31.08 -8.07
C GLN B 107 -16.37 31.76 -8.11
N ILE B 108 -15.40 31.22 -7.37
CA ILE B 108 -14.04 31.74 -7.46
C ILE B 108 -13.51 31.59 -8.88
N GLY B 109 -13.63 30.39 -9.45
CA GLY B 109 -13.19 30.13 -10.80
C GLY B 109 -11.74 29.66 -10.85
N GLU B 110 -11.41 28.97 -11.95
CA GLU B 110 -10.08 28.38 -12.11
C GLU B 110 -8.99 29.44 -12.02
N ALA B 111 -9.12 30.51 -12.80
CA ALA B 111 -8.02 31.47 -12.92
C ALA B 111 -7.70 32.11 -11.57
N ARG B 112 -8.72 32.60 -10.86
CA ARG B 112 -8.47 33.27 -9.60
C ARG B 112 -8.02 32.29 -8.53
N MET B 113 -8.57 31.06 -8.53
CA MET B 113 -8.11 30.05 -7.60
C MET B 113 -6.63 29.75 -7.80
N SER B 114 -6.23 29.56 -9.06
CA SER B 114 -4.84 29.26 -9.36
C SER B 114 -3.91 30.39 -8.93
N LYS B 115 -4.29 31.63 -9.25
CA LYS B 115 -3.47 32.78 -8.87
C LYS B 115 -3.23 32.80 -7.37
N MET B 116 -4.30 32.58 -6.59
CA MET B 116 -4.19 32.73 -5.15
C MET B 116 -3.34 31.65 -4.53
N LEU B 117 -3.46 30.41 -5.00
CA LEU B 117 -2.62 29.35 -4.44
C LEU B 117 -1.15 29.59 -4.76
N HIS B 118 -0.85 30.19 -5.92
CA HIS B 118 0.52 30.61 -6.19
C HIS B 118 0.94 31.71 -5.22
N ALA B 119 0.05 32.69 -4.99
CA ALA B 119 0.37 33.77 -4.07
C ALA B 119 0.53 33.26 -2.64
N PHE B 120 -0.21 32.22 -2.26
CA PHE B 120 -0.09 31.59 -0.94
C PHE B 120 1.10 30.64 -0.82
N ASP B 121 1.79 30.32 -1.92
CA ASP B 121 2.85 29.31 -1.90
C ASP B 121 2.33 27.98 -1.37
N TYR B 122 1.08 27.65 -1.72
CA TYR B 122 0.36 26.55 -1.09
C TYR B 122 0.67 25.24 -1.81
N GLY B 123 1.40 24.36 -1.12
CA GLY B 123 1.65 23.03 -1.67
C GLY B 123 2.32 23.12 -3.03
N ASN B 124 1.89 22.26 -3.94
CA ASN B 124 2.40 22.30 -5.31
C ASN B 124 1.66 23.29 -6.19
N GLU B 125 0.71 24.05 -5.64
CA GLU B 125 0.08 25.17 -6.33
C GLU B 125 -0.64 24.75 -7.61
N ASP B 126 -1.02 23.48 -7.70
CA ASP B 126 -1.54 22.87 -8.92
C ASP B 126 -3.01 22.55 -8.74
N ILE B 127 -3.89 23.25 -9.46
CA ILE B 127 -5.33 23.03 -9.36
C ILE B 127 -5.84 22.10 -10.46
N SER B 128 -4.94 21.37 -11.12
CA SER B 128 -5.37 20.50 -12.20
C SER B 128 -6.47 19.56 -11.71
N GLY B 129 -7.47 19.36 -12.56
CA GLY B 129 -8.66 18.60 -12.21
C GLY B 129 -9.90 19.46 -12.33
N ASN B 130 -10.99 18.98 -11.75
CA ASN B 130 -12.25 19.72 -11.76
C ASN B 130 -12.19 20.83 -10.70
N VAL B 131 -12.61 22.03 -11.09
CA VAL B 131 -12.52 23.17 -10.19
C VAL B 131 -13.32 22.94 -8.91
N ASP B 132 -14.36 22.09 -8.95
CA ASP B 132 -15.18 21.88 -7.77
C ASP B 132 -14.81 20.61 -7.01
N SER B 133 -13.66 20.01 -7.31
CA SER B 133 -13.24 18.83 -6.56
C SER B 133 -11.73 18.60 -6.55
N PHE B 134 -10.91 19.53 -7.07
CA PHE B 134 -9.50 19.21 -7.28
C PHE B 134 -8.79 18.90 -5.97
N TRP B 135 -9.25 19.47 -4.86
CA TRP B 135 -8.64 19.20 -3.57
C TRP B 135 -9.04 17.84 -3.00
N LEU B 136 -9.97 17.15 -3.64
CA LEU B 136 -10.36 15.80 -3.26
C LEU B 136 -9.85 14.73 -4.21
N ASP B 137 -9.75 15.04 -5.52
CA ASP B 137 -9.28 14.03 -6.47
C ASP B 137 -8.52 14.63 -7.65
N GLY B 138 -8.00 15.84 -7.51
CA GLY B 138 -7.21 16.47 -8.56
C GLY B 138 -5.73 16.34 -8.28
N GLY B 139 -4.96 17.26 -8.87
CA GLY B 139 -3.52 17.19 -8.82
C GLY B 139 -2.87 17.93 -7.68
N ILE B 140 -3.64 18.61 -6.85
CA ILE B 140 -3.05 19.43 -5.79
C ILE B 140 -2.54 18.51 -4.69
N ARG B 141 -1.37 18.87 -4.15
CA ARG B 141 -0.72 18.11 -3.09
C ARG B 141 -0.05 19.08 -2.12
N ILE B 142 0.04 18.66 -0.85
CA ILE B 142 0.72 19.45 0.17
C ILE B 142 1.26 18.49 1.23
N SER B 143 2.45 18.82 1.76
CA SER B 143 3.05 18.03 2.82
C SER B 143 2.71 18.62 4.19
N ALA B 144 2.97 17.83 5.24
CA ALA B 144 2.74 18.31 6.60
C ALA B 144 3.61 19.52 6.91
N THR B 145 4.87 19.51 6.47
CA THR B 145 5.74 20.65 6.70
C THR B 145 5.25 21.88 5.94
N GLU B 146 4.72 21.68 4.73
CA GLU B 146 4.14 22.78 3.97
C GLU B 146 2.88 23.32 4.61
N GLN B 147 2.08 22.46 5.26
CA GLN B 147 0.93 22.96 6.00
C GLN B 147 1.38 23.91 7.11
N ILE B 148 2.45 23.57 7.81
CA ILE B 148 2.95 24.44 8.89
C ILE B 148 3.39 25.79 8.34
N SER B 149 4.15 25.78 7.23
CA SER B 149 4.59 27.05 6.65
C SER B 149 3.42 27.93 6.29
N PHE B 150 2.37 27.34 5.70
CA PHE B 150 1.18 28.09 5.34
C PHE B 150 0.44 28.59 6.58
N LEU B 151 0.30 27.74 7.59
CA LEU B 151 -0.41 28.14 8.81
C LEU B 151 0.35 29.25 9.55
N ARG B 152 1.67 29.22 9.54
CA ARG B 152 2.43 30.27 10.21
C ARG B 152 2.18 31.63 9.55
N LYS B 153 2.11 31.66 8.22
CA LYS B 153 1.77 32.90 7.54
C LYS B 153 0.38 33.38 7.93
N LEU B 154 -0.59 32.46 7.98
CA LEU B 154 -1.95 32.83 8.37
C LEU B 154 -1.98 33.39 9.79
N TYR B 155 -1.29 32.73 10.72
CA TYR B 155 -1.26 33.21 12.10
C TYR B 155 -0.75 34.64 12.17
N HIS B 156 0.27 34.98 11.38
CA HIS B 156 0.89 36.29 11.41
C HIS B 156 0.25 37.28 10.45
N ASN B 157 -0.86 36.93 9.81
CA ASN B 157 -1.54 37.80 8.86
C ASN B 157 -0.64 38.19 7.70
N LYS B 158 0.26 37.29 7.30
CA LYS B 158 1.23 37.57 6.25
C LYS B 158 0.85 37.01 4.89
N LEU B 159 -0.28 36.32 4.77
CA LEU B 159 -0.76 35.88 3.48
C LEU B 159 -1.24 37.07 2.66
N HIS B 160 -1.23 36.91 1.33
CA HIS B 160 -1.55 38.01 0.44
C HIS B 160 -3.06 38.11 0.23
N VAL B 161 -3.79 38.21 1.34
CA VAL B 161 -5.17 38.66 1.38
C VAL B 161 -5.29 39.67 2.53
N SER B 162 -6.46 40.26 2.67
CA SER B 162 -6.62 41.31 3.68
C SER B 162 -6.47 40.72 5.08
N GLU B 163 -6.11 41.59 6.02
CA GLU B 163 -6.11 41.18 7.43
C GLU B 163 -7.48 40.69 7.86
N ARG B 164 -8.55 41.35 7.40
CA ARG B 164 -9.89 40.94 7.78
C ARG B 164 -10.16 39.50 7.38
N SER B 165 -9.83 39.16 6.13
CA SER B 165 -10.07 37.79 5.67
C SER B 165 -9.35 36.78 6.54
N GLN B 166 -8.12 37.09 6.96
CA GLN B 166 -7.36 36.15 7.77
C GLN B 166 -7.93 36.05 9.17
N ARG B 167 -8.38 37.18 9.76
CA ARG B 167 -9.00 37.12 11.08
C ARG B 167 -10.27 36.27 11.06
N ILE B 168 -11.09 36.44 10.03
CA ILE B 168 -12.35 35.70 9.96
C ILE B 168 -12.09 34.20 9.84
N VAL B 169 -11.13 33.81 9.01
CA VAL B 169 -10.86 32.38 8.85
C VAL B 169 -10.31 31.81 10.15
N LYS B 170 -9.45 32.55 10.85
CA LYS B 170 -8.93 32.05 12.12
C LYS B 170 -10.04 31.93 13.17
N GLN B 171 -11.04 32.80 13.11
CA GLN B 171 -12.22 32.61 13.94
C GLN B 171 -12.93 31.31 13.57
N ALA B 172 -13.14 31.09 12.26
CA ALA B 172 -13.82 29.88 11.81
C ALA B 172 -13.05 28.61 12.13
N MET B 173 -11.74 28.72 12.33
CA MET B 173 -10.92 27.56 12.70
C MET B 173 -11.03 27.20 14.18
N LEU B 174 -11.66 28.02 14.99
CA LEU B 174 -11.74 27.76 16.42
C LEU B 174 -12.34 26.38 16.68
N THR B 175 -11.60 25.55 17.39
CA THR B 175 -11.97 24.17 17.68
C THR B 175 -12.14 23.89 19.16
N GLU B 176 -11.26 24.43 20.00
CA GLU B 176 -11.33 24.16 21.43
C GLU B 176 -10.69 25.30 22.18
N ALA B 177 -11.24 25.63 23.34
CA ALA B 177 -10.67 26.68 24.18
C ALA B 177 -11.02 26.38 25.64
N ASN B 178 -10.03 26.56 26.50
CA ASN B 178 -10.22 26.45 27.94
C ASN B 178 -9.19 27.37 28.61
N GLY B 179 -9.07 27.25 29.93
CA GLY B 179 -8.14 28.08 30.67
C GLY B 179 -6.68 27.77 30.42
N ASP B 180 -6.39 26.67 29.71
CA ASP B 180 -5.02 26.25 29.48
C ASP B 180 -4.54 26.49 28.05
N TYR B 181 -5.40 26.39 27.04
CA TYR B 181 -4.96 26.55 25.67
C TYR B 181 -6.14 26.84 24.76
N ILE B 182 -5.81 27.28 23.55
CA ILE B 182 -6.77 27.45 22.47
C ILE B 182 -6.23 26.69 21.27
N ILE B 183 -7.07 25.88 20.63
CA ILE B 183 -6.71 25.19 19.40
C ILE B 183 -7.53 25.77 18.26
N ARG B 184 -6.85 26.22 17.22
CA ARG B 184 -7.45 26.57 15.94
C ARG B 184 -6.93 25.58 14.92
N ALA B 185 -7.83 24.90 14.22
CA ALA B 185 -7.40 23.76 13.41
C ALA B 185 -8.49 23.39 12.40
N LYS B 186 -8.14 22.47 11.51
CA LYS B 186 -9.06 21.93 10.52
C LYS B 186 -8.71 20.48 10.26
N THR B 187 -9.72 19.62 10.29
CA THR B 187 -9.56 18.21 9.97
C THR B 187 -9.62 17.99 8.45
N GLY B 188 -9.12 16.84 8.03
CA GLY B 188 -9.23 16.43 6.64
C GLY B 188 -9.35 14.93 6.54
N TYR B 189 -10.03 14.46 5.50
CA TYR B 189 -10.26 13.03 5.29
C TYR B 189 -10.23 12.76 3.78
N SER B 190 -9.16 12.14 3.31
CA SER B 190 -8.93 11.91 1.88
C SER B 190 -9.18 10.44 1.56
N THR B 191 -10.17 10.17 0.70
CA THR B 191 -10.53 8.81 0.35
C THR B 191 -10.49 8.49 -1.13
N ARG B 192 -10.44 9.50 -2.01
CA ARG B 192 -10.60 9.25 -3.43
C ARG B 192 -9.33 8.79 -4.12
N ILE B 193 -8.17 9.09 -3.56
CA ILE B 193 -6.90 8.68 -4.13
C ILE B 193 -6.08 8.00 -3.05
N GLU B 194 -5.47 6.87 -3.38
CA GLU B 194 -4.67 6.13 -2.43
C GLU B 194 -3.35 6.87 -2.16
N PRO B 195 -2.81 6.79 -0.94
CA PRO B 195 -3.38 6.09 0.22
C PRO B 195 -4.42 6.96 0.93
N LYS B 196 -5.49 6.33 1.42
CA LYS B 196 -6.49 7.05 2.18
C LYS B 196 -5.88 7.53 3.49
N ILE B 197 -6.07 8.82 3.81
CA ILE B 197 -5.45 9.41 4.99
C ILE B 197 -6.43 10.33 5.69
N GLY B 198 -6.13 10.60 6.97
CA GLY B 198 -6.78 11.66 7.72
C GLY B 198 -5.74 12.73 8.06
N TRP B 199 -6.19 13.97 8.11
CA TRP B 199 -5.38 15.13 8.47
C TRP B 199 -5.90 15.77 9.74
N TRP B 200 -4.99 16.40 10.50
CA TRP B 200 -5.36 17.45 11.44
C TRP B 200 -4.24 18.47 11.46
N VAL B 201 -4.56 19.73 11.13
CA VAL B 201 -3.56 20.79 11.06
C VAL B 201 -4.11 22.03 11.76
N GLY B 202 -3.21 22.78 12.40
CA GLY B 202 -3.62 23.98 13.11
C GLY B 202 -2.51 24.43 14.05
N TRP B 203 -2.92 25.00 15.18
CA TRP B 203 -1.95 25.41 16.17
C TRP B 203 -2.59 25.47 17.55
N VAL B 204 -1.73 25.47 18.56
CA VAL B 204 -2.09 25.55 19.96
C VAL B 204 -1.57 26.88 20.51
N GLU B 205 -2.47 27.74 20.94
CA GLU B 205 -2.10 29.03 21.53
C GLU B 205 -1.96 28.87 23.04
N LEU B 206 -0.80 29.23 23.56
CA LEU B 206 -0.54 29.31 25.00
C LEU B 206 -0.37 30.77 25.40
N ASP B 207 -0.29 31.01 26.71
CA ASP B 207 -0.08 32.39 27.19
C ASP B 207 1.15 33.02 26.54
N ASP B 208 2.22 32.25 26.40
CA ASP B 208 3.54 32.79 26.08
C ASP B 208 4.17 32.17 24.83
N ASN B 209 3.43 31.38 24.06
CA ASN B 209 4.01 30.70 22.91
C ASN B 209 2.89 30.15 22.04
N VAL B 210 3.26 29.74 20.83
CA VAL B 210 2.35 29.09 19.91
C VAL B 210 3.04 27.85 19.35
N TRP B 211 2.36 26.72 19.39
CA TRP B 211 2.84 25.47 18.81
C TRP B 211 1.99 25.13 17.60
N PHE B 212 2.58 25.22 16.42
CA PHE B 212 1.90 24.78 15.21
C PHE B 212 2.03 23.27 15.06
N PHE B 213 1.01 22.65 14.47
CA PHE B 213 1.05 21.20 14.27
C PHE B 213 0.39 20.83 12.95
N ALA B 214 0.88 19.73 12.37
CA ALA B 214 0.27 19.15 11.19
C ALA B 214 0.54 17.66 11.25
N MET B 215 -0.52 16.86 11.16
CA MET B 215 -0.40 15.42 11.21
C MET B 215 -1.23 14.82 10.08
N ASN B 216 -0.74 13.69 9.56
CA ASN B 216 -1.59 12.83 8.75
C ASN B 216 -1.30 11.39 9.12
N MET B 217 -2.27 10.52 8.83
CA MET B 217 -2.18 9.12 9.21
C MET B 217 -3.00 8.32 8.24
N ASP B 218 -2.58 7.06 8.03
CA ASP B 218 -3.34 6.16 7.20
C ASP B 218 -4.72 5.94 7.79
N MET B 219 -5.73 5.92 6.92
CA MET B 219 -7.14 5.86 7.34
C MET B 219 -7.88 4.89 6.43
N PRO B 220 -7.64 3.59 6.59
CA PRO B 220 -8.30 2.61 5.71
C PRO B 220 -9.83 2.59 5.84
N THR B 221 -10.36 2.94 7.01
CA THR B 221 -11.80 3.05 7.19
C THR B 221 -12.10 4.27 8.05
N SER B 222 -13.36 4.71 8.01
CA SER B 222 -13.77 5.86 8.80
C SER B 222 -13.80 5.58 10.30
N ASP B 223 -13.63 4.33 10.73
CA ASP B 223 -13.71 4.01 12.15
C ASP B 223 -12.61 4.71 12.95
N GLY B 224 -11.47 5.00 12.32
CA GLY B 224 -10.34 5.57 13.01
C GLY B 224 -10.23 7.09 12.98
N LEU B 225 -11.25 7.79 12.50
CA LEU B 225 -11.13 9.24 12.32
C LEU B 225 -10.82 9.96 13.62
N GLY B 226 -11.40 9.49 14.74
CA GLY B 226 -11.12 10.13 16.02
C GLY B 226 -9.68 10.09 16.43
N LEU B 227 -8.86 9.20 15.82
CA LEU B 227 -7.45 9.12 16.18
C LEU B 227 -6.65 10.32 15.70
N ARG B 228 -7.17 11.07 14.73
CA ARG B 228 -6.46 12.26 14.27
C ARG B 228 -6.20 13.21 15.43
N GLN B 229 -7.24 13.52 16.20
CA GLN B 229 -7.09 14.39 17.36
C GLN B 229 -6.47 13.67 18.55
N ALA B 230 -6.83 12.40 18.76
CA ALA B 230 -6.34 11.68 19.93
C ALA B 230 -4.83 11.50 19.88
N ILE B 231 -4.29 11.09 18.73
CA ILE B 231 -2.85 10.89 18.61
C ILE B 231 -2.10 12.21 18.73
N THR B 232 -2.60 13.26 18.09
CA THR B 232 -1.96 14.57 18.20
C THR B 232 -1.89 15.02 19.66
N LYS B 233 -2.98 14.87 20.40
CA LYS B 233 -3.00 15.31 21.78
C LYS B 233 -2.06 14.48 22.66
N GLU B 234 -1.91 13.19 22.36
CA GLU B 234 -0.96 12.39 23.13
C GLU B 234 0.47 12.90 22.92
N VAL B 235 0.79 13.32 21.70
CA VAL B 235 2.10 13.91 21.46
C VAL B 235 2.22 15.24 22.21
N LEU B 236 1.18 16.08 22.12
CA LEU B 236 1.19 17.36 22.83
C LEU B 236 1.35 17.13 24.33
N LYS B 237 0.66 16.12 24.87
CA LYS B 237 0.79 15.82 26.30
C LYS B 237 2.20 15.32 26.62
N GLN B 238 2.76 14.45 25.78
CA GLN B 238 4.11 13.96 26.03
C GLN B 238 5.12 15.11 26.09
N GLU B 239 4.97 16.08 25.19
CA GLU B 239 5.91 17.20 25.14
C GLU B 239 5.56 18.33 26.11
N LYS B 240 4.61 18.10 27.02
CA LYS B 240 4.26 19.07 28.06
C LYS B 240 3.69 20.35 27.47
N ILE B 241 3.10 20.26 26.27
CA ILE B 241 2.51 21.45 25.67
C ILE B 241 1.11 21.68 26.22
N ILE B 242 0.35 20.62 26.46
CA ILE B 242 -0.94 20.72 27.12
C ILE B 242 -0.93 19.77 28.32
N PRO B 243 -1.73 20.03 29.36
CA PRO B 243 -1.78 19.12 30.51
C PRO B 243 -2.38 17.76 30.14
N GLU C 2 18.49 23.73 7.74
CA GLU C 2 18.87 22.42 7.22
C GLU C 2 18.79 22.39 5.69
N TRP C 3 17.79 23.08 5.14
CA TRP C 3 17.63 23.20 3.69
C TRP C 3 17.67 24.66 3.29
N GLN C 4 18.43 24.96 2.23
CA GLN C 4 18.60 26.31 1.71
C GLN C 4 18.27 26.32 0.23
N GLU C 5 17.57 27.37 -0.21
CA GLU C 5 17.18 27.50 -1.61
C GLU C 5 18.08 28.52 -2.29
N ASN C 6 18.70 28.12 -3.40
CA ASN C 6 19.60 28.97 -4.18
C ASN C 6 19.04 29.07 -5.59
N LYS C 7 18.21 30.08 -5.83
CA LYS C 7 17.56 30.25 -7.12
C LYS C 7 18.51 30.67 -8.23
N SER C 8 19.79 30.95 -7.93
CA SER C 8 20.70 31.37 -8.99
C SER C 8 21.08 30.19 -9.88
N TRP C 9 20.97 28.97 -9.38
CA TRP C 9 21.19 27.78 -10.22
C TRP C 9 20.16 27.67 -11.33
N ASN C 10 19.01 28.33 -11.19
CA ASN C 10 18.00 28.28 -12.26
C ASN C 10 18.58 28.74 -13.59
N ALA C 11 19.55 29.66 -13.56
CA ALA C 11 20.17 30.11 -14.79
C ALA C 11 20.75 28.95 -15.58
N HIS C 12 21.27 27.93 -14.90
CA HIS C 12 21.85 26.79 -15.60
C HIS C 12 20.79 25.97 -16.33
N PHE C 13 19.54 25.99 -15.85
CA PHE C 13 18.46 25.33 -16.57
C PHE C 13 17.98 26.21 -17.73
N THR C 14 17.74 27.50 -17.47
CA THR C 14 17.23 28.39 -18.50
C THR C 14 18.23 28.52 -19.65
N GLU C 15 19.53 28.50 -19.35
CA GLU C 15 20.53 28.60 -20.40
C GLU C 15 20.35 27.51 -21.43
N HIS C 16 19.79 26.36 -21.04
CA HIS C 16 19.48 25.27 -21.95
C HIS C 16 17.98 25.13 -22.21
N LYS C 17 17.20 26.18 -21.93
CA LYS C 17 15.76 26.14 -22.15
C LYS C 17 15.15 24.91 -21.48
N SER C 18 15.60 24.61 -20.27
CA SER C 18 15.16 23.43 -19.54
C SER C 18 14.52 23.83 -18.21
N GLN C 19 13.91 22.83 -17.57
CA GLN C 19 13.35 22.97 -16.23
C GLN C 19 13.66 21.72 -15.45
N GLY C 20 13.99 21.90 -14.18
CA GLY C 20 14.35 20.79 -13.34
C GLY C 20 14.80 21.28 -11.98
N VAL C 21 15.37 20.35 -11.22
CA VAL C 21 15.85 20.64 -9.87
C VAL C 21 17.20 19.95 -9.70
N VAL C 22 18.11 20.62 -9.02
CA VAL C 22 19.34 20.02 -8.51
C VAL C 22 19.28 20.11 -6.99
N VAL C 23 19.59 19.00 -6.32
CA VAL C 23 19.62 18.93 -4.86
C VAL C 23 21.02 18.48 -4.45
N LEU C 24 21.65 19.23 -3.54
CA LEU C 24 22.96 18.90 -3.01
C LEU C 24 22.87 18.72 -1.50
N TRP C 25 23.69 17.81 -0.97
CA TRP C 25 23.79 17.58 0.47
C TRP C 25 25.26 17.54 0.87
N ASN C 26 25.65 18.44 1.76
CA ASN C 26 27.00 18.52 2.30
C ASN C 26 27.06 17.61 3.52
N GLU C 27 27.77 16.48 3.39
CA GLU C 27 27.76 15.48 4.44
C GLU C 27 28.42 16.00 5.72
N ASN C 28 29.57 16.67 5.59
CA ASN C 28 30.25 17.17 6.77
C ASN C 28 29.35 18.12 7.56
N LYS C 29 28.69 19.04 6.87
CA LYS C 29 27.91 20.07 7.54
C LYS C 29 26.45 19.69 7.77
N GLN C 30 26.01 18.57 7.20
CA GLN C 30 24.63 18.12 7.34
C GLN C 30 23.67 19.23 6.91
N GLN C 31 23.94 19.79 5.72
CA GLN C 31 23.16 20.87 5.17
C GLN C 31 22.87 20.61 3.70
N GLY C 32 21.64 20.93 3.28
CA GLY C 32 21.21 20.72 1.92
C GLY C 32 20.96 22.01 1.17
N PHE C 33 21.03 21.94 -0.16
CA PHE C 33 20.90 23.10 -1.03
C PHE C 33 20.19 22.68 -2.30
N THR C 34 19.29 23.54 -2.79
CA THR C 34 18.56 23.25 -4.02
C THR C 34 18.06 24.55 -4.63
N ASN C 35 17.79 24.49 -5.94
CA ASN C 35 17.20 25.65 -6.61
C ASN C 35 15.69 25.71 -6.46
N ASN C 36 15.05 24.63 -6.02
CA ASN C 36 13.59 24.55 -5.99
C ASN C 36 13.21 23.57 -4.89
N LEU C 37 12.90 24.10 -3.70
CA LEU C 37 12.57 23.26 -2.56
C LEU C 37 11.37 22.37 -2.84
N LYS C 38 10.36 22.91 -3.52
CA LYS C 38 9.17 22.13 -3.79
C LYS C 38 9.45 20.97 -4.73
N ARG C 39 10.07 21.24 -5.89
CA ARG C 39 10.36 20.14 -6.81
C ARG C 39 11.38 19.18 -6.20
N ALA C 40 12.23 19.67 -5.30
CA ALA C 40 13.17 18.79 -4.62
C ALA C 40 12.44 17.68 -3.86
N ASN C 41 11.21 17.96 -3.44
CA ASN C 41 10.40 17.00 -2.69
C ASN C 41 9.27 16.42 -3.52
N GLN C 42 9.27 16.64 -4.83
CA GLN C 42 8.27 16.03 -5.70
C GLN C 42 8.72 14.62 -6.06
N ALA C 43 7.80 13.67 -5.93
CA ALA C 43 8.12 12.27 -6.12
C ALA C 43 7.76 11.85 -7.54
N PHE C 44 8.72 11.25 -8.24
CA PHE C 44 8.56 10.77 -9.61
C PHE C 44 8.88 9.28 -9.68
N LEU C 45 8.52 8.68 -10.81
CA LEU C 45 9.02 7.34 -11.11
C LEU C 45 10.55 7.36 -11.10
N PRO C 46 11.20 6.39 -10.45
CA PRO C 46 12.68 6.40 -10.43
C PRO C 46 13.32 5.99 -11.74
N ALA C 47 12.58 5.28 -12.60
CA ALA C 47 13.13 4.70 -13.81
C ALA C 47 14.44 4.00 -13.49
N SER C 48 15.48 4.19 -14.32
CA SER C 48 16.67 3.37 -14.18
C SER C 48 17.51 3.71 -12.96
N THR C 49 17.20 4.78 -12.21
CA THR C 49 17.87 4.95 -10.93
C THR C 49 17.50 3.83 -9.97
N PHE C 50 16.42 3.09 -10.25
CA PHE C 50 16.02 1.95 -9.44
C PHE C 50 17.02 0.79 -9.58
N KCX C 51 17.93 0.87 -10.53
CA KCX C 51 18.91 -0.19 -10.69
CB KCX C 51 19.72 -0.02 -11.99
CG KCX C 51 18.89 -0.36 -13.24
CD KCX C 51 19.71 -0.42 -14.52
CE KCX C 51 18.87 -0.91 -15.70
NZ KCX C 51 17.72 0.01 -15.96
C KCX C 51 19.83 -0.26 -9.48
O KCX C 51 20.45 -1.29 -9.23
CX KCX C 51 16.48 -0.29 -15.54
OQ1 KCX C 51 15.55 0.51 -15.76
OQ2 KCX C 51 16.24 -1.35 -14.96
H KCX C 51 18.01 1.52 -11.09
HA KCX C 51 18.44 -1.05 -10.75
HB2 KCX C 51 20.48 -0.61 -11.97
HG2 KCX C 51 18.47 -1.22 -13.12
HD2 KCX C 51 20.04 0.47 -14.74
HE2 KCX C 51 19.41 -0.95 -16.49
N ILE C 52 19.89 0.82 -8.69
CA ILE C 52 20.69 0.79 -7.47
C ILE C 52 20.08 -0.16 -6.44
N PRO C 53 18.84 0.12 -5.98
CA PRO C 53 18.22 -0.83 -5.04
C PRO C 53 18.03 -2.21 -5.63
N ASN C 54 17.69 -2.29 -6.93
CA ASN C 54 17.50 -3.59 -7.58
C ASN C 54 18.79 -4.41 -7.52
N SER C 55 19.93 -3.77 -7.79
CA SER C 55 21.22 -4.47 -7.70
C SER C 55 21.49 -4.97 -6.29
N LEU C 56 21.23 -4.11 -5.28
CA LEU C 56 21.46 -4.49 -3.90
C LEU C 56 20.66 -5.73 -3.55
N ILE C 57 19.38 -5.76 -3.93
CA ILE C 57 18.51 -6.87 -3.59
C ILE C 57 18.95 -8.14 -4.32
N ALA C 58 19.26 -8.02 -5.61
CA ALA C 58 19.67 -9.19 -6.37
C ALA C 58 20.92 -9.83 -5.79
N LEU C 59 21.91 -9.01 -5.41
CA LEU C 59 23.14 -9.54 -4.84
C LEU C 59 22.90 -10.20 -3.49
N ASP C 60 22.13 -9.53 -2.61
CA ASP C 60 22.00 -10.02 -1.25
C ASP C 60 21.18 -11.31 -1.20
N LEU C 61 20.30 -11.53 -2.18
CA LEU C 61 19.51 -12.75 -2.26
C LEU C 61 20.20 -13.85 -3.06
N GLY C 62 21.36 -13.57 -3.66
CA GLY C 62 22.03 -14.57 -4.47
C GLY C 62 21.52 -14.68 -5.89
N VAL C 63 20.60 -13.81 -6.31
CA VAL C 63 20.19 -13.79 -7.71
C VAL C 63 21.38 -13.43 -8.60
N VAL C 64 22.23 -12.53 -8.13
CA VAL C 64 23.50 -12.22 -8.77
C VAL C 64 24.61 -12.70 -7.85
N LYS C 65 25.52 -13.51 -8.41
CA LYS C 65 26.60 -14.11 -7.63
C LYS C 65 27.66 -13.08 -7.28
N ASP C 66 28.15 -12.36 -8.29
CA ASP C 66 29.15 -11.34 -8.10
C ASP C 66 29.13 -10.43 -9.33
N GLU C 67 30.04 -9.47 -9.36
CA GLU C 67 30.07 -8.50 -10.45
C GLU C 67 30.65 -9.07 -11.74
N HIS C 68 31.09 -10.33 -11.74
CA HIS C 68 31.63 -10.97 -12.93
C HIS C 68 30.64 -11.88 -13.63
N GLN C 69 29.59 -12.31 -12.94
CA GLN C 69 28.63 -13.22 -13.54
C GLN C 69 28.05 -12.63 -14.82
N VAL C 70 28.01 -13.44 -15.87
CA VAL C 70 27.58 -13.00 -17.20
C VAL C 70 26.11 -13.34 -17.37
N PHE C 71 25.32 -12.36 -17.78
CA PHE C 71 23.92 -12.54 -18.12
C PHE C 71 23.79 -12.50 -19.63
N LYS C 72 23.47 -13.65 -20.21
CA LYS C 72 23.49 -13.83 -21.66
C LYS C 72 22.41 -12.97 -22.30
N TRP C 73 22.75 -12.34 -23.42
CA TRP C 73 21.74 -11.71 -24.26
C TRP C 73 20.69 -12.76 -24.63
N ASP C 74 19.42 -12.41 -24.50
CA ASP C 74 18.36 -13.36 -24.82
C ASP C 74 18.08 -13.47 -26.31
N GLY C 75 18.82 -12.76 -27.15
CA GLY C 75 18.67 -12.86 -28.59
C GLY C 75 17.62 -11.97 -29.21
N GLN C 76 16.87 -11.19 -28.43
CA GLN C 76 15.89 -10.26 -28.96
C GLN C 76 16.58 -8.94 -29.28
N THR C 77 16.54 -8.53 -30.55
CA THR C 77 17.14 -7.26 -30.94
C THR C 77 16.25 -6.12 -30.46
N ARG C 78 16.83 -5.25 -29.63
CA ARG C 78 16.12 -4.10 -29.09
C ARG C 78 16.72 -2.83 -29.68
N ASP C 79 16.04 -1.71 -29.44
CA ASP C 79 16.42 -0.47 -30.11
C ASP C 79 17.71 0.13 -29.57
N ILE C 80 18.19 -0.35 -28.42
CA ILE C 80 19.45 0.11 -27.84
C ILE C 80 20.51 -0.94 -28.14
N ALA C 81 21.43 -0.60 -29.05
CA ALA C 81 22.40 -1.58 -29.52
C ALA C 81 23.21 -2.16 -28.38
N THR C 82 23.59 -1.33 -27.39
CA THR C 82 24.41 -1.82 -26.29
C THR C 82 23.66 -2.85 -25.44
N TRP C 83 22.34 -2.97 -25.58
CA TRP C 83 21.59 -4.00 -24.88
C TRP C 83 21.68 -5.35 -25.57
N ASN C 84 22.05 -5.38 -26.85
CA ASN C 84 22.04 -6.62 -27.63
C ASN C 84 23.39 -7.34 -27.55
N ARG C 85 23.79 -7.63 -26.31
CA ARG C 85 25.07 -8.29 -26.06
C ARG C 85 25.05 -8.83 -24.64
N ASP C 86 26.06 -9.64 -24.31
CA ASP C 86 26.21 -10.14 -22.96
C ASP C 86 26.67 -9.02 -22.03
N HIS C 87 26.25 -9.12 -20.77
CA HIS C 87 26.57 -8.13 -19.76
C HIS C 87 26.86 -8.81 -18.43
N ASN C 88 27.62 -8.09 -17.60
CA ASN C 88 27.71 -8.37 -16.18
C ASN C 88 27.11 -7.19 -15.42
N LEU C 89 27.20 -7.24 -14.09
CA LEU C 89 26.58 -6.19 -13.28
C LEU C 89 27.17 -4.83 -13.61
N ILE C 90 28.48 -4.77 -13.84
CA ILE C 90 29.14 -3.50 -14.11
C ILE C 90 28.63 -2.90 -15.41
N THR C 91 28.65 -3.70 -16.48
CA THR C 91 28.24 -3.18 -17.78
C THR C 91 26.73 -2.98 -17.85
N ALA C 92 25.96 -3.81 -17.14
CA ALA C 92 24.51 -3.65 -17.14
C ALA C 92 24.10 -2.32 -16.50
N MET C 93 24.78 -1.92 -15.44
CA MET C 93 24.53 -0.60 -14.86
C MET C 93 25.00 0.51 -15.80
N LYS C 94 26.22 0.36 -16.32
CA LYS C 94 26.82 1.39 -17.17
C LYS C 94 25.90 1.73 -18.35
N TYR C 95 25.32 0.73 -18.99
CA TYR C 95 24.48 0.93 -20.17
C TYR C 95 22.99 0.85 -19.86
N SER C 96 22.59 0.84 -18.59
CA SER C 96 21.18 0.82 -18.18
C SER C 96 20.41 -0.26 -18.93
N VAL C 97 20.92 -1.50 -18.84
CA VAL C 97 20.36 -2.62 -19.60
C VAL C 97 19.09 -3.12 -18.94
N VAL C 98 17.96 -2.48 -19.29
CA VAL C 98 16.68 -2.82 -18.67
C VAL C 98 16.41 -4.33 -18.68
N PRO C 99 16.49 -5.03 -19.81
CA PRO C 99 16.06 -6.45 -19.81
C PRO C 99 16.84 -7.32 -18.85
N VAL C 100 18.09 -6.96 -18.54
CA VAL C 100 18.84 -7.73 -17.55
C VAL C 100 18.21 -7.56 -16.18
N TYR C 101 17.85 -6.32 -15.83
CA TYR C 101 17.27 -6.06 -14.51
C TYR C 101 15.83 -6.51 -14.40
N GLN C 102 15.12 -6.61 -15.53
CA GLN C 102 13.79 -7.21 -15.49
C GLN C 102 13.87 -8.67 -15.10
N GLU C 103 14.88 -9.39 -15.61
CA GLU C 103 15.08 -10.77 -15.20
C GLU C 103 15.44 -10.86 -13.72
N PHE C 104 16.29 -9.96 -13.24
CA PHE C 104 16.55 -9.89 -11.80
C PHE C 104 15.24 -9.80 -11.02
N ALA C 105 14.38 -8.87 -11.41
CA ALA C 105 13.17 -8.59 -10.65
C ALA C 105 12.25 -9.80 -10.62
N ARG C 106 12.14 -10.51 -11.75
CA ARG C 106 11.29 -11.70 -11.77
C ARG C 106 11.80 -12.75 -10.80
N GLN C 107 13.12 -12.92 -10.71
CA GLN C 107 13.68 -13.91 -9.81
C GLN C 107 13.57 -13.48 -8.36
N ILE C 108 13.68 -12.17 -8.11
CA ILE C 108 13.46 -11.64 -6.77
C ILE C 108 12.03 -11.91 -6.32
N GLY C 109 11.06 -11.56 -7.17
CA GLY C 109 9.67 -11.78 -6.86
C GLY C 109 9.04 -10.62 -6.11
N GLU C 110 7.71 -10.53 -6.21
CA GLU C 110 6.99 -9.41 -5.62
C GLU C 110 7.22 -9.31 -4.13
N ALA C 111 7.07 -10.42 -3.41
CA ALA C 111 7.08 -10.38 -1.95
C ALA C 111 8.43 -9.89 -1.43
N ARG C 112 9.52 -10.46 -1.94
CA ARG C 112 10.85 -10.06 -1.44
C ARG C 112 11.19 -8.65 -1.91
N MET C 113 10.78 -8.27 -3.11
CA MET C 113 11.00 -6.90 -3.58
C MET C 113 10.29 -5.90 -2.68
N SER C 114 9.03 -6.17 -2.34
CA SER C 114 8.28 -5.25 -1.48
C SER C 114 8.92 -5.15 -0.10
N LYS C 115 9.26 -6.29 0.50
CA LYS C 115 9.87 -6.30 1.83
C LYS C 115 11.16 -5.49 1.86
N MET C 116 12.02 -5.66 0.84
CA MET C 116 13.31 -4.99 0.80
C MET C 116 13.15 -3.48 0.66
N LEU C 117 12.22 -3.02 -0.16
CA LEU C 117 12.05 -1.59 -0.34
C LEU C 117 11.48 -0.94 0.92
N HIS C 118 10.61 -1.64 1.65
CA HIS C 118 10.20 -1.14 2.97
C HIS C 118 11.41 -1.09 3.90
N ALA C 119 12.22 -2.15 3.90
CA ALA C 119 13.44 -2.15 4.70
C ALA C 119 14.32 -0.97 4.36
N PHE C 120 14.38 -0.58 3.08
CA PHE C 120 15.19 0.54 2.63
C PHE C 120 14.55 1.89 2.88
N ASP C 121 13.28 1.94 3.31
CA ASP C 121 12.56 3.19 3.47
C ASP C 121 12.54 3.98 2.15
N TYR C 122 12.39 3.25 1.05
CA TYR C 122 12.62 3.78 -0.30
C TYR C 122 11.34 4.39 -0.87
N GLY C 123 11.34 5.72 -1.02
CA GLY C 123 10.23 6.38 -1.69
C GLY C 123 8.91 6.08 -1.01
N ASN C 124 7.86 5.88 -1.81
CA ASN C 124 6.56 5.53 -1.27
C ASN C 124 6.39 4.02 -1.09
N GLU C 125 7.43 3.24 -1.36
CA GLU C 125 7.48 1.81 -1.05
C GLU C 125 6.38 1.02 -1.77
N ASP C 126 5.86 1.55 -2.87
CA ASP C 126 4.70 0.98 -3.56
C ASP C 126 5.17 0.37 -4.89
N ILE C 127 5.16 -0.96 -4.98
CA ILE C 127 5.65 -1.64 -6.19
C ILE C 127 4.49 -2.07 -7.10
N SER C 128 3.31 -1.46 -6.92
CA SER C 128 2.14 -1.86 -7.72
C SER C 128 2.46 -1.83 -9.21
N GLY C 129 1.98 -2.85 -9.93
CA GLY C 129 2.29 -3.01 -11.33
C GLY C 129 3.00 -4.32 -11.60
N ASN C 130 3.64 -4.43 -12.76
CA ASN C 130 4.39 -5.63 -13.09
C ASN C 130 5.67 -5.68 -12.25
N VAL C 131 5.95 -6.85 -11.69
CA VAL C 131 7.15 -6.99 -10.86
C VAL C 131 8.39 -6.63 -11.65
N ASP C 132 8.35 -6.78 -12.97
CA ASP C 132 9.48 -6.50 -13.83
C ASP C 132 9.36 -5.16 -14.58
N SER C 133 8.46 -4.27 -14.15
CA SER C 133 8.43 -2.95 -14.77
C SER C 133 7.89 -1.83 -13.89
N PHE C 134 7.60 -2.09 -12.59
CA PHE C 134 6.91 -1.08 -11.79
C PHE C 134 7.74 0.19 -11.63
N TRP C 135 9.07 0.09 -11.71
CA TRP C 135 9.91 1.28 -11.61
C TRP C 135 9.90 2.11 -12.89
N LEU C 136 9.30 1.60 -13.97
CA LEU C 136 9.14 2.31 -15.23
C LEU C 136 7.72 2.77 -15.51
N ASP C 137 6.71 1.99 -15.08
CA ASP C 137 5.33 2.37 -15.35
C ASP C 137 4.38 1.89 -14.25
N GLY C 138 4.88 1.61 -13.05
CA GLY C 138 4.06 1.22 -11.93
C GLY C 138 3.81 2.36 -10.96
N GLY C 139 3.53 1.99 -9.71
CA GLY C 139 3.12 2.93 -8.69
C GLY C 139 4.20 3.51 -7.83
N ILE C 140 5.46 3.09 -7.98
CA ILE C 140 6.52 3.53 -7.08
C ILE C 140 6.91 4.96 -7.43
N ARG C 141 7.14 5.77 -6.39
CA ARG C 141 7.50 7.17 -6.56
C ARG C 141 8.55 7.54 -5.52
N ILE C 142 9.48 8.40 -5.91
CA ILE C 142 10.54 8.85 -5.02
C ILE C 142 10.96 10.25 -5.44
N SER C 143 11.27 11.08 -4.45
CA SER C 143 11.73 12.44 -4.67
C SER C 143 13.25 12.51 -4.66
N ALA C 144 13.77 13.66 -5.11
CA ALA C 144 15.21 13.88 -5.10
C ALA C 144 15.77 13.84 -3.68
N THR C 145 15.09 14.45 -2.72
CA THR C 145 15.58 14.40 -1.35
C THR C 145 15.53 12.99 -0.79
N GLU C 146 14.52 12.20 -1.17
CA GLU C 146 14.43 10.81 -0.75
C GLU C 146 15.53 9.97 -1.39
N GLN C 147 15.91 10.29 -2.63
CA GLN C 147 17.05 9.62 -3.25
C GLN C 147 18.31 9.84 -2.43
N ILE C 148 18.53 11.08 -1.98
CA ILE C 148 19.71 11.40 -1.19
C ILE C 148 19.69 10.64 0.13
N SER C 149 18.54 10.61 0.81
CA SER C 149 18.46 9.89 2.08
C SER C 149 18.83 8.42 1.89
N PHE C 150 18.33 7.81 0.82
CA PHE C 150 18.66 6.42 0.53
C PHE C 150 20.15 6.26 0.20
N LEU C 151 20.69 7.17 -0.61
CA LEU C 151 22.10 7.09 -0.98
C LEU C 151 23.02 7.29 0.21
N ARG C 152 22.64 8.13 1.17
CA ARG C 152 23.47 8.31 2.36
C ARG C 152 23.59 7.00 3.13
N LYS C 153 22.50 6.25 3.26
CA LYS C 153 22.58 4.95 3.92
C LYS C 153 23.52 4.02 3.18
N LEU C 154 23.42 3.98 1.85
CA LEU C 154 24.29 3.13 1.05
C LEU C 154 25.75 3.51 1.25
N TYR C 155 26.05 4.81 1.19
CA TYR C 155 27.42 5.26 1.36
C TYR C 155 28.02 4.77 2.68
N HIS C 156 27.22 4.80 3.75
CA HIS C 156 27.70 4.42 5.07
C HIS C 156 27.50 2.95 5.37
N ASN C 157 27.09 2.15 4.39
CA ASN C 157 26.83 0.72 4.56
C ASN C 157 25.77 0.46 5.64
N LYS C 158 24.77 1.34 5.71
CA LYS C 158 23.72 1.28 6.73
C LYS C 158 22.42 0.66 6.22
N LEU C 159 22.32 0.32 4.94
CA LEU C 159 21.14 -0.40 4.48
C LEU C 159 21.18 -1.83 5.03
N HIS C 160 20.00 -2.42 5.19
CA HIS C 160 19.93 -3.75 5.80
C HIS C 160 20.05 -4.84 4.75
N VAL C 161 21.19 -4.77 4.06
CA VAL C 161 21.74 -5.88 3.28
C VAL C 161 23.21 -5.97 3.69
N SER C 162 23.90 -6.99 3.19
CA SER C 162 25.26 -7.21 3.65
C SER C 162 26.17 -6.06 3.23
N GLU C 163 27.27 -5.89 3.99
CA GLU C 163 28.29 -4.93 3.59
C GLU C 163 28.82 -5.24 2.20
N ARG C 164 29.00 -6.52 1.89
CA ARG C 164 29.51 -6.92 0.57
C ARG C 164 28.60 -6.43 -0.54
N SER C 165 27.29 -6.67 -0.42
CA SER C 165 26.36 -6.24 -1.45
C SER C 165 26.46 -4.73 -1.68
N GLN C 166 26.60 -3.97 -0.58
CA GLN C 166 26.66 -2.53 -0.73
C GLN C 166 27.97 -2.10 -1.36
N ARG C 167 29.08 -2.75 -1.02
CA ARG C 167 30.36 -2.43 -1.65
C ARG C 167 30.33 -2.73 -3.15
N ILE C 168 29.73 -3.87 -3.53
CA ILE C 168 29.69 -4.23 -4.95
C ILE C 168 28.87 -3.22 -5.73
N VAL C 169 27.72 -2.81 -5.20
CA VAL C 169 26.87 -1.86 -5.92
C VAL C 169 27.57 -0.51 -6.06
N LYS C 170 28.27 -0.07 -5.01
CA LYS C 170 29.00 1.19 -5.11
C LYS C 170 30.14 1.11 -6.11
N GLN C 171 30.75 -0.06 -6.26
CA GLN C 171 31.71 -0.26 -7.34
C GLN C 171 31.04 -0.09 -8.69
N ALA C 172 29.89 -0.75 -8.88
CA ALA C 172 29.17 -0.67 -10.14
C ALA C 172 28.65 0.73 -10.44
N MET C 173 28.49 1.57 -9.42
CA MET C 173 28.05 2.94 -9.61
C MET C 173 29.17 3.86 -10.09
N LEU C 174 30.42 3.38 -10.08
CA LEU C 174 31.53 4.23 -10.46
C LEU C 174 31.30 4.81 -11.86
N THR C 175 31.35 6.13 -11.95
CA THR C 175 31.07 6.84 -13.19
C THR C 175 32.25 7.65 -13.69
N GLU C 176 32.96 8.33 -12.80
CA GLU C 176 34.08 9.17 -13.20
C GLU C 176 35.02 9.29 -12.02
N ALA C 177 36.32 9.34 -12.31
CA ALA C 177 37.32 9.51 -11.26
C ALA C 177 38.57 10.16 -11.86
N ASN C 178 39.12 11.12 -11.13
CA ASN C 178 40.37 11.77 -11.49
C ASN C 178 41.05 12.22 -10.21
N GLY C 179 42.11 13.01 -10.35
CA GLY C 179 42.84 13.47 -9.19
C GLY C 179 42.08 14.47 -8.33
N ASP C 180 40.92 14.94 -8.80
CA ASP C 180 40.14 15.95 -8.08
C ASP C 180 38.89 15.41 -7.42
N TYR C 181 38.25 14.38 -7.98
CA TYR C 181 37.01 13.88 -7.40
C TYR C 181 36.71 12.49 -7.94
N ILE C 182 35.79 11.81 -7.27
CA ILE C 182 35.20 10.54 -7.70
C ILE C 182 33.69 10.73 -7.71
N ILE C 183 33.04 10.33 -8.80
CA ILE C 183 31.58 10.35 -8.89
C ILE C 183 31.09 8.91 -8.97
N ARG C 184 30.21 8.55 -8.05
CA ARG C 184 29.43 7.32 -8.12
C ARG C 184 27.97 7.73 -8.27
N ALA C 185 27.31 7.23 -9.32
CA ALA C 185 25.99 7.76 -9.67
C ALA C 185 25.29 6.80 -10.61
N LYS C 186 24.02 7.10 -10.86
CA LYS C 186 23.20 6.33 -11.80
C LYS C 186 22.23 7.27 -12.50
N THR C 187 22.15 7.16 -13.83
CA THR C 187 21.21 7.94 -14.62
C THR C 187 19.85 7.25 -14.67
N GLY C 188 18.85 8.03 -15.03
CA GLY C 188 17.50 7.51 -15.23
C GLY C 188 16.77 8.30 -16.28
N TYR C 189 15.86 7.62 -16.97
CA TYR C 189 15.09 8.23 -18.06
C TYR C 189 13.68 7.65 -18.00
N SER C 190 12.72 8.45 -17.56
CA SER C 190 11.33 8.00 -17.38
C SER C 190 10.52 8.49 -18.58
N THR C 191 10.05 7.55 -19.40
CA THR C 191 9.36 7.86 -20.65
C THR C 191 7.97 7.27 -20.77
N ARG C 192 7.61 6.30 -19.92
CA ARG C 192 6.38 5.55 -20.16
C ARG C 192 5.16 6.27 -19.61
N ILE C 193 5.33 7.10 -18.58
CA ILE C 193 4.25 7.83 -17.94
C ILE C 193 4.65 9.29 -17.80
N GLU C 194 3.73 10.18 -18.09
CA GLU C 194 4.02 11.61 -17.98
C GLU C 194 4.17 11.99 -16.51
N PRO C 195 5.02 12.99 -16.20
CA PRO C 195 5.84 13.74 -17.16
C PRO C 195 7.15 13.02 -17.47
N LYS C 196 7.59 13.06 -18.72
CA LYS C 196 8.87 12.46 -19.07
C LYS C 196 10.00 13.28 -18.44
N ILE C 197 10.89 12.60 -17.72
CA ILE C 197 11.96 13.27 -16.99
C ILE C 197 13.24 12.46 -17.09
N GLY C 198 14.36 13.14 -16.84
CA GLY C 198 15.64 12.49 -16.67
C GLY C 198 16.11 12.63 -15.24
N TRP C 199 16.83 11.61 -14.75
CA TRP C 199 17.42 11.60 -13.42
C TRP C 199 18.94 11.53 -13.51
N TRP C 200 19.60 12.09 -12.50
CA TRP C 200 20.98 11.72 -12.17
C TRP C 200 21.11 11.83 -10.66
N VAL C 201 21.47 10.73 -10.00
CA VAL C 201 21.60 10.70 -8.55
C VAL C 201 22.89 9.97 -8.19
N GLY C 202 23.52 10.42 -7.12
CA GLY C 202 24.78 9.83 -6.68
C GLY C 202 25.48 10.74 -5.69
N TRP C 203 26.80 10.70 -5.72
CA TRP C 203 27.58 11.58 -4.85
C TRP C 203 28.95 11.85 -5.44
N VAL C 204 29.57 12.91 -4.92
CA VAL C 204 30.91 13.33 -5.31
C VAL C 204 31.80 13.14 -4.09
N GLU C 205 32.82 12.29 -4.22
CA GLU C 205 33.77 12.07 -3.13
C GLU C 205 34.94 13.02 -3.31
N LEU C 206 35.22 13.79 -2.26
CA LEU C 206 36.41 14.63 -2.19
C LEU C 206 37.35 14.09 -1.12
N ASP C 207 38.55 14.66 -1.06
CA ASP C 207 39.53 14.25 -0.06
C ASP C 207 38.94 14.29 1.34
N ASP C 208 38.18 15.34 1.64
CA ASP C 208 37.80 15.65 3.01
C ASP C 208 36.29 15.78 3.21
N ASN C 209 35.48 15.38 2.24
CA ASN C 209 34.03 15.55 2.34
C ASN C 209 33.37 14.73 1.24
N VAL C 210 32.05 14.59 1.36
CA VAL C 210 31.23 13.95 0.33
C VAL C 210 30.03 14.83 0.08
N TRP C 211 29.74 15.09 -1.20
CA TRP C 211 28.57 15.85 -1.63
C TRP C 211 27.61 14.91 -2.33
N PHE C 212 26.48 14.63 -1.70
CA PHE C 212 25.45 13.84 -2.35
C PHE C 212 24.63 14.74 -3.26
N PHE C 213 24.14 14.16 -4.36
CA PHE C 213 23.34 14.94 -5.29
C PHE C 213 22.22 14.10 -5.87
N ALA C 214 21.13 14.79 -6.21
CA ALA C 214 20.03 14.19 -6.94
C ALA C 214 19.38 15.29 -7.77
N MET C 215 19.27 15.05 -9.07
CA MET C 215 18.66 16.01 -9.98
C MET C 215 17.66 15.29 -10.86
N ASN C 216 16.59 16.01 -11.22
CA ASN C 216 15.75 15.57 -12.33
C ASN C 216 15.32 16.79 -13.13
N MET C 217 14.93 16.54 -14.37
CA MET C 217 14.58 17.61 -15.30
C MET C 217 13.58 17.07 -16.31
N ASP C 218 12.74 17.96 -16.83
CA ASP C 218 11.82 17.57 -17.88
C ASP C 218 12.62 17.12 -19.10
N MET C 219 12.18 16.02 -19.71
CA MET C 219 12.90 15.39 -20.82
C MET C 219 11.88 15.00 -21.88
N PRO C 220 11.32 15.97 -22.60
CA PRO C 220 10.32 15.64 -23.64
C PRO C 220 10.87 14.80 -24.76
N THR C 221 12.17 14.91 -25.06
CA THR C 221 12.80 14.06 -26.06
C THR C 221 14.17 13.63 -25.54
N SER C 222 14.71 12.57 -26.15
CA SER C 222 16.00 12.03 -25.76
C SER C 222 17.15 12.96 -26.13
N ASP C 223 16.89 14.03 -26.87
CA ASP C 223 17.96 14.93 -27.31
C ASP C 223 18.68 15.59 -26.14
N GLY C 224 17.98 15.79 -25.03
CA GLY C 224 18.53 16.51 -23.89
C GLY C 224 19.14 15.66 -22.81
N LEU C 225 19.33 14.36 -23.03
CA LEU C 225 19.80 13.48 -21.96
C LEU C 225 21.14 13.94 -21.42
N GLY C 226 22.03 14.41 -22.29
CA GLY C 226 23.34 14.86 -21.85
C GLY C 226 23.28 16.03 -20.90
N LEU C 227 22.15 16.75 -20.86
CA LEU C 227 22.02 17.89 -19.96
C LEU C 227 21.93 17.47 -18.51
N ARG C 228 21.56 16.21 -18.23
CA ARG C 228 21.48 15.76 -16.85
C ARG C 228 22.82 15.94 -16.14
N GLN C 229 23.91 15.47 -16.77
CA GLN C 229 25.24 15.63 -16.20
C GLN C 229 25.77 17.05 -16.36
N ALA C 230 25.50 17.67 -17.51
CA ALA C 230 26.06 19.00 -17.78
C ALA C 230 25.53 20.03 -16.79
N ILE C 231 24.21 20.06 -16.57
CA ILE C 231 23.64 21.03 -15.64
C ILE C 231 24.13 20.76 -14.22
N THR C 232 24.16 19.48 -13.82
CA THR C 232 24.66 19.13 -12.50
C THR C 232 26.08 19.62 -12.31
N LYS C 233 26.94 19.40 -13.31
CA LYS C 233 28.34 19.79 -13.17
C LYS C 233 28.49 21.31 -13.15
N GLU C 234 27.61 22.04 -13.84
CA GLU C 234 27.65 23.50 -13.77
C GLU C 234 27.34 23.98 -12.36
N VAL C 235 26.42 23.30 -11.67
CA VAL C 235 26.13 23.66 -10.28
C VAL C 235 27.32 23.31 -9.40
N LEU C 236 27.88 22.12 -9.58
CA LEU C 236 29.04 21.73 -8.79
C LEU C 236 30.19 22.70 -8.99
N LYS C 237 30.41 23.15 -10.23
CA LYS C 237 31.47 24.12 -10.49
C LYS C 237 31.18 25.47 -9.86
N GLN C 238 29.93 25.93 -9.94
CA GLN C 238 29.57 27.20 -9.33
C GLN C 238 29.83 27.18 -7.83
N GLU C 239 29.53 26.06 -7.18
CA GLU C 239 29.72 25.92 -5.74
C GLU C 239 31.14 25.50 -5.36
N LYS C 240 32.11 25.51 -6.30
CA LYS C 240 33.50 25.22 -5.96
C LYS C 240 33.68 23.80 -5.41
N ILE C 241 32.79 22.87 -5.79
CA ILE C 241 32.93 21.48 -5.37
C ILE C 241 33.88 20.73 -6.31
N ILE C 242 33.82 21.03 -7.60
CA ILE C 242 34.77 20.49 -8.57
C ILE C 242 35.38 21.67 -9.34
N PRO C 243 36.58 21.52 -9.89
CA PRO C 243 37.22 22.59 -10.67
C PRO C 243 36.47 22.93 -11.95
N GLU D 2 11.10 -10.40 36.69
CA GLU D 2 11.50 -11.70 36.15
C GLU D 2 11.46 -11.68 34.62
N TRP D 3 10.47 -11.00 34.06
CA TRP D 3 10.33 -10.85 32.62
C TRP D 3 10.37 -9.39 32.25
N GLN D 4 11.12 -9.06 31.19
CA GLN D 4 11.28 -7.71 30.70
C GLN D 4 10.90 -7.69 29.23
N GLU D 5 10.15 -6.66 28.82
CA GLU D 5 9.71 -6.55 27.44
C GLU D 5 10.56 -5.49 26.73
N ASN D 6 11.15 -5.87 25.60
CA ASN D 6 12.01 -5.00 24.81
C ASN D 6 11.40 -4.91 23.41
N LYS D 7 10.53 -3.94 23.21
CA LYS D 7 9.84 -3.79 21.94
C LYS D 7 10.77 -3.34 20.81
N SER D 8 12.04 -3.05 21.09
CA SER D 8 12.95 -2.65 20.03
C SER D 8 13.34 -3.81 19.14
N TRP D 9 13.24 -5.05 19.64
CA TRP D 9 13.45 -6.21 18.79
C TRP D 9 12.40 -6.32 17.70
N ASN D 10 11.24 -5.68 17.87
CA ASN D 10 10.20 -5.73 16.84
C ASN D 10 10.73 -5.26 15.50
N ALA D 11 11.70 -4.35 15.50
CA ALA D 11 12.27 -3.88 14.23
C ALA D 11 12.81 -5.04 13.41
N HIS D 12 13.34 -6.08 14.06
CA HIS D 12 13.89 -7.21 13.34
C HIS D 12 12.79 -8.00 12.63
N PHE D 13 11.56 -7.97 13.15
CA PHE D 13 10.44 -8.61 12.47
C PHE D 13 9.82 -7.70 11.40
N THR D 14 9.58 -6.43 11.75
CA THR D 14 8.90 -5.53 10.82
C THR D 14 9.73 -5.31 9.55
N GLU D 15 11.06 -5.28 9.66
CA GLU D 15 11.87 -5.09 8.46
C GLU D 15 11.57 -6.14 7.40
N HIS D 16 11.12 -7.32 7.79
CA HIS D 16 10.73 -8.34 6.83
C HIS D 16 9.22 -8.44 6.69
N LYS D 17 8.49 -7.42 7.14
CA LYS D 17 7.03 -7.44 7.10
C LYS D 17 6.51 -8.74 7.71
N SER D 18 7.15 -9.18 8.79
CA SER D 18 6.80 -10.41 9.47
C SER D 18 6.39 -10.10 10.90
N GLN D 19 5.87 -11.11 11.58
CA GLN D 19 5.44 -10.95 12.95
C GLN D 19 5.83 -12.19 13.74
N GLY D 20 6.27 -12.00 14.98
CA GLY D 20 6.71 -13.12 15.77
C GLY D 20 7.24 -12.66 17.11
N VAL D 21 7.84 -13.60 17.83
CA VAL D 21 8.36 -13.36 19.16
C VAL D 21 9.70 -14.06 19.31
N VAL D 22 10.63 -13.40 20.00
CA VAL D 22 11.85 -14.02 20.51
C VAL D 22 11.79 -13.94 22.02
N VAL D 23 12.12 -15.06 22.68
CA VAL D 23 12.19 -15.12 24.14
C VAL D 23 13.60 -15.58 24.51
N LEU D 24 14.24 -14.83 25.41
CA LEU D 24 15.55 -15.18 25.92
C LEU D 24 15.49 -15.36 27.44
N TRP D 25 16.30 -16.28 27.95
CA TRP D 25 16.40 -16.52 29.38
C TRP D 25 17.87 -16.57 29.77
N ASN D 26 18.26 -15.67 30.66
CA ASN D 26 19.62 -15.60 31.20
C ASN D 26 19.69 -16.51 32.42
N GLU D 27 20.39 -17.65 32.27
CA GLU D 27 20.38 -18.67 33.32
C GLU D 27 21.04 -18.18 34.59
N ASN D 28 22.20 -17.52 34.48
CA ASN D 28 22.89 -17.04 35.67
C ASN D 28 22.01 -16.10 36.47
N LYS D 29 21.36 -15.16 35.81
CA LYS D 29 20.58 -14.12 36.48
C LYS D 29 19.13 -14.50 36.70
N GLN D 30 18.67 -15.61 36.12
CA GLN D 30 17.28 -16.04 36.26
C GLN D 30 16.33 -14.91 35.85
N GLN D 31 16.60 -14.35 34.67
CA GLN D 31 15.83 -13.24 34.13
C GLN D 31 15.50 -13.51 32.66
N GLY D 32 14.28 -13.14 32.28
CA GLY D 32 13.82 -13.33 30.92
C GLY D 32 13.58 -12.04 30.17
N PHE D 33 13.64 -12.12 28.83
CA PHE D 33 13.50 -10.95 27.98
C PHE D 33 12.75 -11.36 26.71
N THR D 34 11.84 -10.50 26.26
CA THR D 34 11.08 -10.80 25.05
C THR D 34 10.58 -9.50 24.43
N ASN D 35 10.30 -9.55 23.13
CA ASN D 35 9.71 -8.40 22.45
C ASN D 35 8.19 -8.33 22.62
N ASN D 36 7.56 -9.42 23.04
CA ASN D 36 6.09 -9.49 23.08
C ASN D 36 5.71 -10.47 24.17
N LEU D 37 5.38 -9.94 25.35
CA LEU D 37 5.05 -10.79 26.49
C LEU D 37 3.86 -11.69 26.19
N LYS D 38 2.86 -11.17 25.47
CA LYS D 38 1.67 -11.95 25.17
C LYS D 38 1.98 -13.12 24.26
N ARG D 39 2.60 -12.87 23.10
CA ARG D 39 2.89 -13.96 22.19
C ARG D 39 3.91 -14.92 22.79
N ALA D 40 4.77 -14.43 23.69
CA ALA D 40 5.71 -15.32 24.36
C ALA D 40 4.98 -16.43 25.12
N ASN D 41 3.74 -16.18 25.54
CA ASN D 41 2.96 -17.15 26.29
C ASN D 41 1.84 -17.75 25.44
N GLN D 42 1.83 -17.49 24.14
CA GLN D 42 0.82 -18.09 23.28
C GLN D 42 1.26 -19.50 22.87
N ALA D 43 0.32 -20.44 22.96
CA ALA D 43 0.61 -21.85 22.74
C ALA D 43 0.27 -22.23 21.30
N PHE D 44 1.25 -22.81 20.61
CA PHE D 44 1.12 -23.27 19.24
C PHE D 44 1.44 -24.75 19.15
N LEU D 45 1.07 -25.35 18.02
CA LEU D 45 1.57 -26.68 17.69
C LEU D 45 3.09 -26.65 17.70
N PRO D 46 3.77 -27.63 18.33
CA PRO D 46 5.24 -27.62 18.36
C PRO D 46 5.89 -28.03 17.04
N ALA D 47 5.16 -28.74 16.18
CA ALA D 47 5.71 -29.30 14.96
C ALA D 47 7.03 -30.00 15.26
N SER D 48 8.05 -29.78 14.42
CA SER D 48 9.26 -30.59 14.54
C SER D 48 10.10 -30.26 15.77
N THR D 49 9.77 -29.21 16.53
CA THR D 49 10.43 -29.05 17.81
C THR D 49 10.08 -30.19 18.76
N PHE D 50 8.99 -30.92 18.48
CA PHE D 50 8.61 -32.08 19.28
C PHE D 50 9.61 -33.22 19.14
N KCX D 51 10.54 -33.14 18.18
CA KCX D 51 11.51 -34.21 18.03
CB KCX D 51 12.32 -34.04 16.73
CG KCX D 51 11.50 -34.37 15.47
CD KCX D 51 12.30 -34.43 14.19
CE KCX D 51 11.44 -34.90 13.01
NZ KCX D 51 10.31 -33.96 12.75
C KCX D 51 12.43 -34.29 19.25
O KCX D 51 13.07 -35.32 19.48
CX KCX D 51 9.07 -34.21 13.16
OQ1 KCX D 51 8.17 -33.38 12.93
OQ2 KCX D 51 8.78 -35.26 13.78
H KCX D 51 10.61 -32.48 17.63
HA KCX D 51 11.03 -35.06 17.97
HB2 KCX D 51 12.61 -33.12 16.66
HG2 KCX D 51 10.80 -33.70 15.37
HD2 KCX D 51 12.64 -33.55 13.98
HE2 KCX D 51 11.06 -35.78 13.23
N ILE D 52 12.50 -33.22 20.04
CA ILE D 52 13.31 -33.26 21.26
C ILE D 52 12.67 -34.21 22.28
N PRO D 53 11.43 -33.97 22.72
CA PRO D 53 10.81 -34.93 23.63
C PRO D 53 10.62 -36.31 23.02
N ASN D 54 10.28 -36.37 21.73
CA ASN D 54 10.10 -37.67 21.08
C ASN D 54 11.40 -38.48 21.12
N SER D 55 12.54 -37.84 20.87
CA SER D 55 13.83 -38.53 20.93
C SER D 55 14.10 -39.06 22.33
N LEU D 56 13.86 -38.21 23.35
CA LEU D 56 14.08 -38.61 24.73
C LEU D 56 13.28 -39.85 25.08
N ILE D 57 12.00 -39.86 24.71
CA ILE D 57 11.11 -40.97 25.05
C ILE D 57 11.53 -42.23 24.31
N ALA D 58 11.84 -42.10 23.01
CA ALA D 58 12.24 -43.27 22.24
C ALA D 58 13.52 -43.88 22.81
N LEU D 59 14.48 -43.04 23.18
CA LEU D 59 15.72 -43.54 23.77
C LEU D 59 15.47 -44.21 25.11
N ASP D 60 14.68 -43.58 25.98
CA ASP D 60 14.55 -44.07 27.33
C ASP D 60 13.76 -45.37 27.39
N LEU D 61 12.89 -45.61 26.41
CA LEU D 61 12.15 -46.86 26.32
C LEU D 61 12.88 -47.92 25.51
N GLY D 62 14.02 -47.59 24.92
CA GLY D 62 14.74 -48.54 24.11
C GLY D 62 14.23 -48.68 22.69
N VAL D 63 13.28 -47.84 22.27
CA VAL D 63 12.87 -47.84 20.88
C VAL D 63 14.05 -47.48 19.99
N VAL D 64 14.89 -46.55 20.45
CA VAL D 64 16.16 -46.24 19.81
C VAL D 64 17.26 -46.69 20.75
N LYS D 65 18.16 -47.54 20.25
CA LYS D 65 19.20 -48.09 21.12
C LYS D 65 20.28 -47.07 21.41
N ASP D 66 20.76 -46.37 20.38
CA ASP D 66 21.78 -45.34 20.54
C ASP D 66 21.73 -44.46 19.30
N GLU D 67 22.63 -43.48 19.26
CA GLU D 67 22.65 -42.49 18.19
C GLU D 67 23.24 -43.04 16.89
N HIS D 68 23.68 -44.30 16.87
CA HIS D 68 24.21 -44.93 15.67
C HIS D 68 23.22 -45.86 14.98
N GLN D 69 22.17 -46.29 15.68
CA GLN D 69 21.20 -47.21 15.07
C GLN D 69 20.63 -46.60 13.80
N VAL D 70 20.61 -47.39 12.73
CA VAL D 70 20.18 -46.94 11.41
C VAL D 70 18.71 -47.30 11.23
N PHE D 71 17.90 -46.31 10.86
CA PHE D 71 16.51 -46.50 10.50
C PHE D 71 16.40 -46.40 8.99
N LYS D 72 16.17 -47.54 8.35
CA LYS D 72 16.21 -47.59 6.89
C LYS D 72 15.05 -46.84 6.27
N TRP D 73 15.36 -46.16 5.17
CA TRP D 73 14.32 -45.57 4.34
C TRP D 73 13.30 -46.63 3.95
N ASP D 74 12.02 -46.29 4.07
CA ASP D 74 10.96 -47.23 3.74
C ASP D 74 10.70 -47.36 2.25
N GLY D 75 11.46 -46.66 1.41
CA GLY D 75 11.32 -46.75 -0.02
C GLY D 75 10.25 -45.86 -0.64
N GLN D 76 9.53 -45.09 0.17
CA GLN D 76 8.52 -44.17 -0.34
C GLN D 76 9.19 -42.84 -0.64
N THR D 77 9.13 -42.42 -1.91
CA THR D 77 9.72 -41.13 -2.30
C THR D 77 8.83 -40.00 -1.79
N ARG D 78 9.41 -39.14 -0.95
CA ARG D 78 8.72 -38.00 -0.39
C ARG D 78 9.32 -36.71 -0.96
N ASP D 79 8.64 -35.59 -0.68
CA ASP D 79 8.99 -34.33 -1.32
C ASP D 79 10.27 -33.72 -0.79
N ILE D 80 10.78 -34.18 0.35
CA ILE D 80 12.03 -33.71 0.91
C ILE D 80 13.10 -34.73 0.56
N ALA D 81 14.01 -34.36 -0.35
CA ALA D 81 14.97 -35.32 -0.86
C ALA D 81 15.79 -35.96 0.26
N THR D 82 16.19 -35.17 1.25
CA THR D 82 17.01 -35.71 2.33
C THR D 82 16.28 -36.74 3.17
N TRP D 83 14.96 -36.83 3.07
CA TRP D 83 14.21 -37.86 3.77
C TRP D 83 14.28 -39.21 3.07
N ASN D 84 14.67 -39.24 1.80
CA ASN D 84 14.64 -40.47 1.01
C ASN D 84 15.97 -41.24 1.10
N ARG D 85 16.42 -41.46 2.33
CA ARG D 85 17.68 -42.16 2.57
C ARG D 85 17.65 -42.71 3.99
N ASP D 86 18.63 -43.57 4.29
CA ASP D 86 18.78 -44.07 5.65
C ASP D 86 19.21 -42.95 6.58
N HIS D 87 18.80 -43.05 7.85
CA HIS D 87 19.13 -42.05 8.85
C HIS D 87 19.44 -42.73 10.18
N ASN D 88 20.19 -42.03 11.00
CA ASN D 88 20.31 -42.31 12.43
C ASN D 88 19.71 -41.13 13.20
N LEU D 89 19.81 -41.18 14.52
CA LEU D 89 19.17 -40.14 15.34
C LEU D 89 19.76 -38.77 15.05
N ILE D 90 21.07 -38.70 14.82
CA ILE D 90 21.72 -37.42 14.56
C ILE D 90 21.20 -36.82 13.26
N THR D 91 21.24 -37.61 12.18
CA THR D 91 20.84 -37.08 10.89
C THR D 91 19.34 -36.90 10.80
N ALA D 92 18.57 -37.75 11.49
CA ALA D 92 17.12 -37.59 11.49
C ALA D 92 16.73 -36.27 12.14
N MET D 93 17.42 -35.88 13.22
CA MET D 93 17.22 -34.57 13.81
C MET D 93 17.67 -33.46 12.87
N LYS D 94 18.88 -33.61 12.32
CA LYS D 94 19.45 -32.56 11.47
C LYS D 94 18.52 -32.22 10.31
N TYR D 95 17.94 -33.24 9.68
CA TYR D 95 17.09 -33.03 8.51
C TYR D 95 15.60 -33.12 8.85
N SER D 96 15.26 -33.16 10.15
N SER D 96 15.25 -33.16 10.14
CA SER D 96 13.88 -33.17 10.61
CA SER D 96 13.85 -33.14 10.56
C SER D 96 13.04 -34.19 9.85
C SER D 96 13.04 -34.20 9.82
N VAL D 97 13.52 -35.44 9.88
CA VAL D 97 12.94 -36.52 9.10
C VAL D 97 11.66 -37.03 9.77
N VAL D 98 10.54 -36.41 9.42
CA VAL D 98 9.25 -36.76 10.03
C VAL D 98 8.98 -38.27 10.00
N PRO D 99 9.08 -38.96 8.86
CA PRO D 99 8.65 -40.36 8.83
C PRO D 99 9.43 -41.25 9.79
N VAL D 100 10.68 -40.91 10.11
CA VAL D 100 11.42 -41.69 11.10
C VAL D 100 10.80 -41.50 12.48
N TYR D 101 10.46 -40.26 12.83
CA TYR D 101 9.89 -40.01 14.15
C TYR D 101 8.44 -40.49 14.25
N GLN D 102 7.74 -40.58 13.12
CA GLN D 102 6.42 -41.19 13.14
C GLN D 102 6.51 -42.67 13.51
N GLU D 103 7.52 -43.38 13.00
CA GLU D 103 7.71 -44.77 13.40
C GLU D 103 8.06 -44.86 14.88
N PHE D 104 8.91 -43.96 15.38
CA PHE D 104 9.18 -43.90 16.81
C PHE D 104 7.87 -43.82 17.60
N ALA D 105 7.01 -42.88 17.23
CA ALA D 105 5.80 -42.63 18.00
C ALA D 105 4.87 -43.84 18.02
N ARG D 106 4.75 -44.53 16.88
CA ARG D 106 3.89 -45.71 16.84
C ARG D 106 4.41 -46.78 17.79
N GLN D 107 5.73 -46.95 17.87
CA GLN D 107 6.30 -47.95 18.77
C GLN D 107 6.19 -47.51 20.22
N ILE D 108 6.31 -46.21 20.49
CA ILE D 108 6.08 -45.70 21.85
C ILE D 108 4.65 -45.99 22.28
N GLY D 109 3.69 -45.64 21.44
CA GLY D 109 2.30 -45.88 21.74
C GLY D 109 1.65 -44.75 22.52
N GLU D 110 0.32 -44.67 22.41
CA GLU D 110 -0.43 -43.58 23.01
C GLU D 110 -0.21 -43.51 24.52
N ALA D 111 -0.35 -44.63 25.21
CA ALA D 111 -0.33 -44.61 26.67
C ALA D 111 0.99 -44.09 27.20
N ARG D 112 2.11 -44.62 26.71
CA ARG D 112 3.41 -44.23 27.23
C ARG D 112 3.76 -42.81 26.80
N MET D 113 3.40 -42.42 25.57
CA MET D 113 3.63 -41.05 25.12
C MET D 113 2.91 -40.06 26.03
N SER D 114 1.65 -40.34 26.36
CA SER D 114 0.89 -39.46 27.23
C SER D 114 1.52 -39.35 28.60
N LYS D 115 1.85 -40.49 29.21
CA LYS D 115 2.45 -40.46 30.54
C LYS D 115 3.73 -39.63 30.55
N MET D 116 4.56 -39.81 29.52
CA MET D 116 5.86 -39.13 29.47
C MET D 116 5.69 -37.62 29.34
N LEU D 117 4.75 -37.16 28.52
CA LEU D 117 4.56 -35.72 28.39
C LEU D 117 4.02 -35.12 29.67
N HIS D 118 3.20 -35.86 30.42
N HIS D 118 3.19 -35.84 30.41
CA HIS D 118 2.79 -35.38 31.74
CA HIS D 118 2.79 -35.39 31.74
C HIS D 118 4.00 -35.30 32.66
C HIS D 118 3.99 -35.29 32.67
N ALA D 119 4.87 -36.30 32.62
CA ALA D 119 6.09 -36.26 33.44
C ALA D 119 6.99 -35.10 33.04
N PHE D 120 7.01 -34.75 31.74
CA PHE D 120 7.81 -33.62 31.28
C PHE D 120 7.16 -32.27 31.55
N ASP D 121 5.90 -32.24 31.99
CA ASP D 121 5.17 -30.98 32.15
C ASP D 121 5.14 -30.20 30.84
N TYR D 122 5.00 -30.93 29.74
CA TYR D 122 5.22 -30.39 28.39
C TYR D 122 3.94 -29.78 27.84
N GLY D 123 3.93 -28.45 27.71
CA GLY D 123 2.80 -27.78 27.07
C GLY D 123 1.50 -28.12 27.75
N ASN D 124 0.45 -28.31 26.95
CA ASN D 124 -0.84 -28.68 27.50
C ASN D 124 -0.99 -30.19 27.66
N GLU D 125 0.06 -30.96 27.37
CA GLU D 125 0.11 -32.39 27.66
C GLU D 125 -0.97 -33.19 26.96
N ASP D 126 -1.52 -32.66 25.86
CA ASP D 126 -2.68 -33.24 25.17
C ASP D 126 -2.20 -33.84 23.84
N ILE D 127 -2.24 -35.16 23.73
CA ILE D 127 -1.76 -35.84 22.53
C ILE D 127 -2.93 -36.23 21.61
N SER D 128 -4.10 -35.63 21.80
CA SER D 128 -5.26 -36.00 21.02
C SER D 128 -4.95 -35.95 19.53
N GLY D 129 -5.43 -36.96 18.80
CA GLY D 129 -5.12 -37.11 17.39
C GLY D 129 -4.40 -38.40 17.11
N ASN D 130 -3.78 -38.50 15.93
CA ASN D 130 -3.01 -39.68 15.60
C ASN D 130 -1.73 -39.72 16.43
N VAL D 131 -1.42 -40.91 16.96
CA VAL D 131 -0.23 -41.04 17.79
C VAL D 131 1.02 -40.67 17.01
N ASP D 132 0.97 -40.81 15.68
CA ASP D 132 2.11 -40.51 14.84
C ASP D 132 2.00 -39.18 14.09
N SER D 133 1.08 -38.29 14.51
CA SER D 133 1.05 -36.97 13.89
C SER D 133 0.50 -35.87 14.80
N PHE D 134 0.22 -36.12 16.08
CA PHE D 134 -0.47 -35.13 16.89
C PHE D 134 0.34 -33.85 17.06
N TRP D 135 1.66 -33.92 16.98
CA TRP D 135 2.48 -32.72 17.10
C TRP D 135 2.47 -31.88 15.83
N LEU D 136 1.91 -32.39 14.74
CA LEU D 136 1.75 -31.67 13.49
C LEU D 136 0.33 -31.22 13.21
N ASP D 137 -0.67 -32.00 13.63
CA ASP D 137 -2.06 -31.64 13.37
C ASP D 137 -3.01 -32.13 14.45
N GLY D 138 -2.52 -32.43 15.65
CA GLY D 138 -3.34 -32.84 16.77
C GLY D 138 -3.58 -31.72 17.76
N GLY D 139 -3.88 -32.11 19.00
CA GLY D 139 -4.30 -31.19 20.02
C GLY D 139 -3.23 -30.61 20.92
N ILE D 140 -1.97 -31.01 20.76
CA ILE D 140 -0.92 -30.55 21.67
C ILE D 140 -0.53 -29.12 21.32
N ARG D 141 -0.29 -28.31 22.35
CA ARG D 141 0.09 -26.92 22.18
C ARG D 141 1.13 -26.57 23.23
N ILE D 142 2.07 -25.70 22.85
CA ILE D 142 3.13 -25.26 23.74
C ILE D 142 3.55 -23.86 23.35
N SER D 143 3.86 -23.04 24.36
CA SER D 143 4.29 -21.67 24.15
C SER D 143 5.82 -21.58 24.17
N ALA D 144 6.32 -20.43 23.75
CA ALA D 144 7.76 -20.19 23.76
C ALA D 144 8.31 -20.24 25.19
N THR D 145 7.61 -19.67 26.16
CA THR D 145 8.11 -19.71 27.54
C THR D 145 8.08 -21.14 28.07
N GLU D 146 7.06 -21.93 27.68
CA GLU D 146 7.00 -23.33 28.07
C GLU D 146 8.11 -24.14 27.41
N GLN D 147 8.49 -23.80 26.18
CA GLN D 147 9.64 -24.44 25.55
C GLN D 147 10.90 -24.20 26.38
N ILE D 148 11.11 -22.97 26.84
CA ILE D 148 12.29 -22.67 27.64
C ILE D 148 12.27 -23.46 28.96
N SER D 149 11.11 -23.51 29.63
CA SER D 149 11.03 -24.26 30.88
C SER D 149 11.44 -25.71 30.67
N PHE D 150 10.97 -26.32 29.59
CA PHE D 150 11.30 -27.70 29.26
C PHE D 150 12.79 -27.84 28.94
N LEU D 151 13.34 -26.92 28.15
CA LEU D 151 14.74 -26.99 27.77
C LEU D 151 15.67 -26.82 28.97
N ARG D 152 15.28 -25.98 29.93
CA ARG D 152 16.13 -25.81 31.12
C ARG D 152 16.25 -27.11 31.89
N LYS D 153 15.15 -27.86 32.01
CA LYS D 153 15.21 -29.16 32.67
C LYS D 153 16.15 -30.10 31.91
N LEU D 154 16.02 -30.13 30.58
CA LEU D 154 16.89 -30.98 29.77
C LEU D 154 18.35 -30.59 29.95
N TYR D 155 18.64 -29.28 29.89
CA TYR D 155 20.03 -28.84 30.05
C TYR D 155 20.61 -29.33 31.37
N HIS D 156 19.82 -29.31 32.44
CA HIS D 156 20.29 -29.70 33.76
C HIS D 156 20.09 -31.18 34.06
N ASN D 157 19.68 -31.97 33.08
CA ASN D 157 19.42 -33.40 33.27
C ASN D 157 18.33 -33.65 34.31
N LYS D 158 17.34 -32.76 34.38
CA LYS D 158 16.27 -32.87 35.38
C LYS D 158 14.98 -33.46 34.84
N LEU D 159 14.92 -33.81 33.56
CA LEU D 159 13.74 -34.51 33.07
C LEU D 159 13.73 -35.95 33.60
N HIS D 160 12.53 -36.51 33.68
CA HIS D 160 12.33 -37.83 34.29
C HIS D 160 12.55 -38.95 33.28
N VAL D 161 13.72 -38.91 32.66
CA VAL D 161 14.33 -40.00 31.91
C VAL D 161 15.78 -40.09 32.36
N SER D 162 16.50 -41.09 31.86
CA SER D 162 17.86 -41.30 32.33
C SER D 162 18.76 -40.15 31.89
N GLU D 163 19.87 -39.98 32.64
CA GLU D 163 20.88 -39.01 32.23
C GLU D 163 21.40 -39.33 30.83
N ARG D 164 21.60 -40.61 30.52
CA ARG D 164 22.11 -41.00 29.22
C ARG D 164 21.20 -40.52 28.10
N SER D 165 19.89 -40.75 28.23
CA SER D 165 18.95 -40.31 27.21
C SER D 165 19.05 -38.80 27.00
N GLN D 166 19.19 -38.03 28.07
CA GLN D 166 19.25 -36.59 27.94
C GLN D 166 20.58 -36.15 27.30
N ARG D 167 21.69 -36.81 27.63
CA ARG D 167 22.95 -36.47 27.00
C ARG D 167 22.92 -36.75 25.50
N ILE D 168 22.34 -37.89 25.11
CA ILE D 168 22.30 -38.24 23.68
C ILE D 168 21.47 -37.22 22.92
N VAL D 169 20.33 -36.82 23.46
CA VAL D 169 19.48 -35.86 22.75
C VAL D 169 20.17 -34.51 22.64
N LYS D 170 20.87 -34.10 23.69
CA LYS D 170 21.59 -32.82 23.60
C LYS D 170 22.72 -32.90 22.58
N GLN D 171 23.33 -34.08 22.41
CA GLN D 171 24.28 -34.26 21.32
C GLN D 171 23.60 -34.11 19.97
N ALA D 172 22.45 -34.77 19.79
CA ALA D 172 21.72 -34.70 18.53
C ALA D 172 21.19 -33.30 18.23
N MET D 173 21.06 -32.45 19.25
CA MET D 173 20.64 -31.07 19.06
C MET D 173 21.76 -30.15 18.60
N LEU D 174 23.01 -30.62 18.60
CA LEU D 174 24.13 -29.77 18.23
C LEU D 174 23.90 -29.19 16.84
N THR D 175 23.93 -27.86 16.76
CA THR D 175 23.66 -27.13 15.52
C THR D 175 24.85 -26.32 15.05
N GLU D 176 25.56 -25.66 15.95
CA GLU D 176 26.68 -24.82 15.56
C GLU D 176 27.64 -24.71 16.74
N ALA D 177 28.93 -24.66 16.44
CA ALA D 177 29.94 -24.50 17.47
C ALA D 177 31.17 -23.84 16.85
N ASN D 178 31.72 -22.87 17.59
CA ASN D 178 32.95 -22.21 17.22
C ASN D 178 33.64 -21.77 18.51
N GLY D 179 34.69 -20.97 18.38
CA GLY D 179 35.42 -20.50 19.54
C GLY D 179 34.67 -19.54 20.42
N ASP D 180 33.50 -19.05 19.99
CA ASP D 180 32.73 -18.06 20.73
C ASP D 180 31.49 -18.62 21.40
N TYR D 181 30.83 -19.61 20.82
CA TYR D 181 29.60 -20.13 21.41
C TYR D 181 29.30 -21.50 20.82
N ILE D 182 28.39 -22.21 21.48
CA ILE D 182 27.80 -23.45 21.01
C ILE D 182 26.30 -23.27 21.04
N ILE D 183 25.63 -23.65 19.95
CA ILE D 183 24.17 -23.63 19.88
C ILE D 183 23.68 -25.07 19.77
N ARG D 184 22.80 -25.45 20.70
CA ARG D 184 22.02 -26.67 20.62
C ARG D 184 20.56 -26.25 20.47
N ALA D 185 19.89 -26.74 19.43
CA ALA D 185 18.58 -26.20 19.08
C ALA D 185 17.86 -27.17 18.14
N LYS D 186 16.60 -26.85 17.88
CA LYS D 186 15.77 -27.61 16.94
C LYS D 186 14.81 -26.66 16.24
N THR D 187 14.73 -26.78 14.92
CA THR D 187 13.78 -26.00 14.13
C THR D 187 12.42 -26.69 14.10
N GLY D 188 11.41 -25.90 13.75
CA GLY D 188 10.07 -26.42 13.55
C GLY D 188 9.35 -25.61 12.50
N TYR D 189 8.43 -26.28 11.80
CA TYR D 189 7.66 -25.66 10.73
C TYR D 189 6.27 -26.28 10.77
N SER D 190 5.28 -25.49 11.22
CA SER D 190 3.90 -25.97 11.38
C SER D 190 3.09 -25.47 10.20
N THR D 191 2.62 -26.40 9.36
CA THR D 191 1.93 -26.06 8.13
C THR D 191 0.54 -26.67 8.02
N ARG D 192 0.20 -27.66 8.84
CA ARG D 192 -1.03 -28.42 8.60
C ARG D 192 -2.26 -27.73 9.17
N ILE D 193 -2.09 -26.91 10.20
CA ILE D 193 -3.20 -26.22 10.85
C ILE D 193 -2.82 -24.76 10.99
N GLU D 194 -3.75 -23.87 10.68
CA GLU D 194 -3.47 -22.45 10.80
C GLU D 194 -3.35 -22.08 12.28
N PRO D 195 -2.51 -21.09 12.61
CA PRO D 195 -1.67 -20.31 11.69
C PRO D 195 -0.34 -21.00 11.37
N LYS D 196 0.12 -20.90 10.12
CA LYS D 196 1.42 -21.45 9.76
C LYS D 196 2.51 -20.64 10.45
N ILE D 197 3.42 -21.33 11.15
CA ILE D 197 4.48 -20.67 11.90
C ILE D 197 5.77 -21.47 11.77
N GLY D 198 6.88 -20.80 12.02
CA GLY D 198 8.17 -21.44 12.18
C GLY D 198 8.63 -21.30 13.61
N TRP D 199 9.36 -22.31 14.08
CA TRP D 199 9.95 -22.35 15.41
C TRP D 199 11.47 -22.41 15.32
N TRP D 200 12.14 -21.87 16.34
CA TRP D 200 13.51 -22.25 16.66
C TRP D 200 13.67 -22.16 18.16
N VAL D 201 14.03 -23.27 18.80
CA VAL D 201 14.17 -23.34 20.25
C VAL D 201 15.47 -24.05 20.60
N GLY D 202 16.09 -23.62 21.68
CA GLY D 202 17.36 -24.20 22.10
C GLY D 202 18.05 -23.31 23.12
N TRP D 203 19.38 -23.32 23.08
CA TRP D 203 20.14 -22.46 23.95
C TRP D 203 21.52 -22.18 23.37
N VAL D 204 22.14 -21.13 23.88
CA VAL D 204 23.48 -20.70 23.50
C VAL D 204 24.39 -20.90 24.71
N GLU D 205 25.40 -21.76 24.56
CA GLU D 205 26.38 -21.99 25.61
C GLU D 205 27.55 -21.04 25.43
N LEU D 206 27.85 -20.27 26.49
CA LEU D 206 29.03 -19.43 26.57
C LEU D 206 29.98 -19.98 27.61
N ASP D 207 31.18 -19.39 27.67
CA ASP D 207 32.16 -19.82 28.66
C ASP D 207 31.58 -19.80 30.07
N ASP D 208 30.81 -18.77 30.41
CA ASP D 208 30.42 -18.49 31.78
C ASP D 208 28.92 -18.35 31.99
N ASN D 209 28.09 -18.70 31.01
CA ASN D 209 26.64 -18.52 31.14
C ASN D 209 25.98 -19.33 30.04
N VAL D 210 24.66 -19.47 30.16
CA VAL D 210 23.83 -20.12 29.14
C VAL D 210 22.62 -19.23 28.89
N TRP D 211 22.33 -18.95 27.62
CA TRP D 211 21.16 -18.19 27.21
C TRP D 211 20.20 -19.14 26.50
N PHE D 212 19.08 -19.43 27.14
CA PHE D 212 18.04 -20.21 26.49
C PHE D 212 17.18 -19.30 25.61
N PHE D 213 16.70 -19.86 24.50
CA PHE D 213 15.88 -19.09 23.58
C PHE D 213 14.77 -19.95 22.99
N ALA D 214 13.67 -19.27 22.67
CA ALA D 214 12.57 -19.88 21.93
C ALA D 214 11.93 -18.77 21.11
N MET D 215 11.80 -19.00 19.80
CA MET D 215 11.19 -18.03 18.92
C MET D 215 10.18 -18.74 18.02
N ASN D 216 9.11 -18.02 17.70
CA ASN D 216 8.25 -18.42 16.60
C ASN D 216 7.82 -17.19 15.82
N MET D 217 7.41 -17.41 14.58
CA MET D 217 7.03 -16.32 13.69
C MET D 217 6.03 -16.85 12.67
N ASP D 218 5.15 -15.97 12.20
CA ASP D 218 4.24 -16.34 11.13
C ASP D 218 5.04 -16.72 9.89
N MET D 219 4.60 -17.78 9.22
CA MET D 219 5.33 -18.38 8.10
C MET D 219 4.34 -18.75 7.01
N PRO D 220 3.82 -17.76 6.28
CA PRO D 220 2.83 -18.07 5.24
C PRO D 220 3.38 -18.94 4.11
N THR D 221 4.68 -18.84 3.80
CA THR D 221 5.31 -19.71 2.82
C THR D 221 6.69 -20.12 3.33
N SER D 222 7.22 -21.17 2.71
CA SER D 222 8.54 -21.69 3.11
C SER D 222 9.67 -20.74 2.75
N ASP D 223 9.41 -19.67 2.01
CA ASP D 223 10.47 -18.77 1.59
C ASP D 223 11.15 -18.10 2.77
N GLY D 224 10.44 -17.91 3.88
CA GLY D 224 10.97 -17.19 5.02
C GLY D 224 11.59 -18.05 6.11
N LEU D 225 11.79 -19.34 5.86
CA LEU D 225 12.26 -20.23 6.92
C LEU D 225 13.61 -19.78 7.48
N GLY D 226 14.50 -19.30 6.61
CA GLY D 226 15.81 -18.86 7.07
C GLY D 226 15.76 -17.72 8.06
N LEU D 227 14.63 -17.01 8.13
CA LEU D 227 14.50 -15.91 9.08
C LEU D 227 14.39 -16.39 10.52
N ARG D 228 14.02 -17.66 10.74
CA ARG D 228 13.95 -18.18 12.09
C ARG D 228 15.29 -18.03 12.80
N GLN D 229 16.37 -18.47 12.15
CA GLN D 229 17.70 -18.35 12.73
C GLN D 229 18.24 -16.93 12.60
N ALA D 230 17.97 -16.27 11.47
CA ALA D 230 18.54 -14.95 11.21
C ALA D 230 18.02 -13.92 12.20
N ILE D 231 16.69 -13.89 12.42
CA ILE D 231 16.12 -12.93 13.35
C ILE D 231 16.63 -13.21 14.76
N THR D 232 16.66 -14.49 15.16
CA THR D 232 17.17 -14.84 16.48
C THR D 232 18.60 -14.34 16.66
N LYS D 233 19.45 -14.56 15.65
CA LYS D 233 20.84 -14.14 15.78
C LYS D 233 20.98 -12.63 15.79
N GLU D 234 20.10 -11.91 15.09
N GLU D 234 20.10 -11.91 15.09
CA GLU D 234 20.13 -10.45 15.18
CA GLU D 234 20.12 -10.45 15.17
C GLU D 234 19.81 -9.97 16.59
C GLU D 234 19.83 -9.99 16.59
N VAL D 235 18.88 -10.64 17.26
CA VAL D 235 18.57 -10.30 18.64
C VAL D 235 19.76 -10.64 19.55
N LEU D 236 20.34 -11.81 19.39
CA LEU D 236 21.50 -12.20 20.18
C LEU D 236 22.66 -11.22 20.00
N LYS D 237 22.89 -10.79 18.76
CA LYS D 237 23.95 -9.83 18.49
C LYS D 237 23.64 -8.48 19.13
N GLN D 238 22.38 -8.04 19.02
CA GLN D 238 22.00 -6.76 19.62
C GLN D 238 22.25 -6.77 21.12
N GLU D 239 21.95 -7.88 21.78
CA GLU D 239 22.13 -8.00 23.22
C GLU D 239 23.55 -8.42 23.62
N LYS D 240 24.48 -8.43 22.67
CA LYS D 240 25.90 -8.71 22.93
C LYS D 240 26.11 -10.11 23.47
N ILE D 241 25.23 -11.04 23.12
CA ILE D 241 25.40 -12.42 23.55
C ILE D 241 26.36 -13.16 22.61
N ILE D 242 26.28 -12.88 21.31
CA ILE D 242 27.25 -13.42 20.36
C ILE D 242 27.85 -12.26 19.58
N PRO D 243 29.07 -12.41 19.03
CA PRO D 243 29.67 -11.34 18.23
C PRO D 243 28.89 -11.07 16.95
C EFX E . -20.08 -2.57 -10.10
O EFX E . -20.13 -3.68 -9.51
C1 EFX E . -19.04 -1.58 -9.63
C10 EFX E . -16.19 0.02 -4.49
C11 EFX E . -16.53 0.14 -5.83
C12 EFX E . -17.16 0.27 -8.74
C13 EFX E . -17.79 0.45 -9.96
C14 EFX E . -18.72 -0.46 -10.40
C2 EFX E . -18.39 -1.77 -8.41
C3 EFX E . -17.47 -0.83 -7.94
C4 EFX E . -16.89 -0.98 -6.58
C5 EFX E . -16.80 -2.23 -5.97
C6 EFX E . -16.55 -2.36 -4.61
C7 EFX E . -16.61 -3.70 -3.96
C8 EFX E . -17.06 -5.99 -4.27
C9 EFX E . -16.22 -1.23 -3.88
O1 EFX E . -20.85 -2.22 -11.03
O2 EFX E . -16.91 -4.66 -4.83
O3 EFX E . -16.40 -3.89 -2.79
H6 EFX E . -15.89 0.87 -3.89
H7 EFX E . -16.53 1.11 -6.33
H8 EFX E . -16.45 1.06 -8.53
H9 EFX E . -17.52 1.32 -10.56
H10 EFX E . -19.22 -0.30 -11.36
H EFX E . -18.59 -2.63 -7.80
H1 EFX E . -17.72 -2.76 -6.23
H3 EFX E . -17.19 -6.91 -4.83
H4 EFX E . -17.96 -5.67 -3.75
H2 EFX E . -16.39 -6.32 -3.47
H5 EFX E . -15.97 -1.25 -2.82
CL CL F . -20.47 -12.38 -28.66
C1 EDO G . -6.06 5.43 -17.52
O1 EDO G . -6.07 4.32 -18.42
C2 EDO G . -6.32 4.93 -16.11
O2 EDO G . -5.35 3.93 -15.74
H11 EDO G . -5.10 5.94 -17.56
H12 EDO G . -6.84 6.14 -17.80
HO1 EDO G . -5.91 4.64 -19.32
H21 EDO G . -6.26 5.76 -15.40
H22 EDO G . -7.32 4.50 -16.04
HO2 EDO G . -5.52 3.62 -14.83
C EFX H . -13.27 15.33 8.04
O EFX H . -12.35 16.15 7.80
C1 EFX H . -14.23 15.01 6.92
C10 EFX H . -17.43 10.23 4.96
C11 EFX H . -16.92 11.51 4.87
C12 EFX H . -15.95 14.36 4.84
C13 EFX H . -15.16 15.49 4.76
C14 EFX H . -14.30 15.82 5.79
C2 EFX H . -15.03 13.88 7.00
C3 EFX H . -15.89 13.53 5.96
C4 EFX H . -16.65 12.26 6.02
C5 EFX H . -17.03 11.72 7.25
C6 EFX H . -17.43 10.39 7.36
C7 EFX H . -17.63 9.79 8.71
C8 EFX H . -17.52 10.17 11.04
C9 EFX H . -17.66 9.66 6.20
O1 EFX H . -13.44 14.76 9.14
O2 EFX H . -17.41 10.67 9.69
O3 EFX H . -17.96 8.65 8.90
H6 EFX H . -17.66 9.64 4.08
H7 EFX H . -16.70 11.97 3.91
H8 EFX H . -16.57 14.25 3.96
H9 EFX H . -15.23 16.12 3.88
H10 EFX H . -13.68 16.71 5.71
H EFX H . -15.01 13.23 7.88
H1 EFX H . -16.20 11.92 7.93
H3 EFX H . -17.78 10.75 11.93
H4 EFX H . -16.49 9.86 11.00
H2 EFX H . -18.07 9.25 11.23
H5 EFX H . -18.03 8.63 6.20
CL CL I . -11.87 33.68 18.01
C1 EDO J . 2.35 10.27 -0.58
O1 EDO J . 3.46 9.39 -0.32
C2 EDO J . 1.17 9.43 -1.05
O2 EDO J . 1.04 9.57 -2.47
H11 EDO J . 2.08 10.80 0.34
H12 EDO J . 2.63 10.99 -1.33
HO1 EDO J . 4.21 9.91 -0.01
H21 EDO J . 1.33 8.38 -0.79
H22 EDO J . 0.26 9.77 -0.56
HO2 EDO J . 0.29 9.04 -2.78
C EFX K . 19.26 6.60 -19.06
O EFX K . 19.94 7.45 -19.68
C1 EFX K . 18.46 5.61 -19.87
C10 EFX K . 15.13 5.61 -24.91
C11 EFX K . 15.59 5.16 -23.69
C12 EFX K . 16.92 3.83 -21.33
C13 EFX K . 17.22 3.56 -20.01
C14 EFX K . 17.98 4.44 -19.28
C2 EFX K . 18.17 5.87 -21.20
C3 EFX K . 17.37 5.00 -21.95
C4 EFX K . 16.92 5.37 -23.30
C5 EFX K . 17.78 5.99 -24.21
C6 EFX K . 17.30 6.50 -25.41
C7 EFX K . 18.20 7.23 -26.37
C8 EFX K . 20.40 7.84 -26.89
C9 EFX K . 15.98 6.29 -25.77
O1 EFX K . 19.20 6.51 -17.81
O2 EFX K . 19.45 7.28 -25.94
O3 EFX K . 17.81 7.71 -27.40
H6 EFX K . 14.10 5.45 -25.23
H7 EFX K . 14.95 4.63 -23.00
H8 EFX K . 16.33 3.03 -21.77
H9 EFX K . 16.86 2.64 -19.56
H10 EFX K . 18.21 4.22 -18.23
H EFX K . 18.54 6.76 -21.69
H1 EFX K . 18.28 6.77 -23.65
H3 EFX K . 21.12 7.28 -27.48
H4 EFX K . 20.85 8.41 -26.08
H2 EFX K . 20.08 8.59 -27.60
H5 EFX K . 15.54 6.63 -26.70
C1 EDO L . 40.07 12.42 5.29
O1 EDO L . 40.51 13.71 4.91
C2 EDO L . 40.63 12.09 6.67
O2 EDO L . 40.09 13.00 7.63
H11 EDO L . 38.97 12.39 5.33
H12 EDO L . 40.40 11.67 4.56
HO1 EDO L . 40.14 13.93 4.03
H21 EDO L . 40.37 11.06 6.95
H22 EDO L . 41.72 12.16 6.64
HO2 EDO L . 40.45 12.80 8.50
C1 EDO M . 19.26 14.06 3.67
O1 EDO M . 19.18 12.74 4.20
C2 EDO M . 18.35 14.19 2.44
O2 EDO M . 16.99 14.24 2.84
H11 EDO M . 18.96 14.78 4.43
H12 EDO M . 20.29 14.28 3.39
HO1 EDO M . 19.75 12.66 4.98
H21 EDO M . 18.61 15.11 1.90
H22 EDO M . 18.52 13.34 1.78
HO2 EDO M . 16.42 14.32 2.06
C EFX N . 11.70 -27.51 9.98
O EFX N . 12.16 -26.44 9.51
C1 EFX N . 10.96 -28.42 9.03
C10 EFX N . 8.11 -28.13 3.65
C11 EFX N . 8.45 -28.63 4.89
C12 EFX N . 9.49 -30.04 7.31
C13 EFX N . 9.72 -30.44 8.61
C14 EFX N . 10.44 -29.63 9.47
C2 EFX N . 10.74 -28.04 7.71
C3 EFX N . 10.00 -28.83 6.83
C4 EFX N . 9.68 -28.36 5.47
C5 EFX N . 10.60 -27.61 4.74
C6 EFX N . 10.26 -27.05 3.50
C7 EFX N . 11.21 -26.18 2.76
C8 EFX N . 13.30 -25.10 2.79
C9 EFX N . 9.01 -27.33 2.96
O1 EFX N . 11.79 -27.87 11.17
O2 EFX N . 12.36 -26.01 3.41
O3 EFX N . 10.97 -25.67 1.70
H6 EFX N . 7.15 -28.32 3.17
H7 EFX N . 7.75 -29.25 5.45
H8 EFX N . 8.91 -30.78 6.77
H9 EFX N . 9.31 -31.39 8.96
H10 EFX N . 10.60 -29.95 10.51
H EFX N . 11.16 -27.11 7.32
H1 EFX N . 10.94 -26.82 5.40
H3 EFX N . 14.04 -25.35 2.02
H4 EFX N . 13.74 -24.91 3.77
H2 EFX N . 12.96 -24.12 2.44
H5 EFX N . 8.67 -26.94 1.99
C1 EDO O . 11.46 -19.76 32.06
O1 EDO O . 11.27 -19.00 33.25
C2 EDO O . 11.85 -21.18 32.43
O2 EDO O . 12.21 -21.26 33.81
H11 EDO O . 10.53 -19.76 31.47
H12 EDO O . 12.24 -19.31 31.45
HO1 EDO O . 11.02 -18.09 33.02
H21 EDO O . 11.00 -21.85 32.23
H22 EDO O . 12.69 -21.50 31.81
HO2 EDO O . 12.45 -22.16 34.02
#